data_2P6T
#
_entry.id   2P6T
#
_cell.length_a   65.389
_cell.length_b   149.771
_cell.length_c   77.845
_cell.angle_alpha   90.00
_cell.angle_beta   105.68
_cell.angle_gamma   90.00
#
_symmetry.space_group_name_H-M   'P 1 21 1'
#
loop_
_entity.id
_entity.type
_entity.pdbx_description
1 polymer 'Transcriptional regulator, LRP/AsnC family'
2 non-polymer LEUCINE
3 non-polymer GLYCEROL
4 non-polymer 'CALCIUM ION'
5 water water
#
_entity_poly.entity_id   1
_entity_poly.type   'polypeptide(L)'
_entity_poly.pdbx_seq_one_letter_code
;GP(MSE)PQLTLDKTDIKILQVLQENGRLTNVELSERVALSPSPCLRRLKQLEDAGIVRQYAALLSPESVNLGLQAFIRV
SIRKAKDAREDFAASVRKWPEVLSCFALTGETDYLLQAFFTD(MSE)NAFSHFVLDTLLSHHGVQDAQSSFVLKEIKHTT
SLPLNHLLKE
;
_entity_poly.pdbx_strand_id   A,B,C,D,E,F,G,H
#
# COMPACT_ATOMS: atom_id res chain seq x y z
N GLN A 5 -5.66 27.17 37.62
CA GLN A 5 -6.65 26.61 36.66
C GLN A 5 -8.10 26.93 37.10
N LEU A 6 -8.96 27.21 36.12
CA LEU A 6 -10.38 27.48 36.39
C LEU A 6 -11.10 26.17 36.67
N THR A 7 -12.07 26.20 37.58
CA THR A 7 -12.88 25.05 37.90
C THR A 7 -14.25 25.25 37.30
N LEU A 8 -14.52 24.55 36.22
CA LEU A 8 -15.77 24.69 35.47
C LEU A 8 -16.95 24.00 36.14
N ASP A 9 -18.01 24.75 36.44
CA ASP A 9 -19.25 24.18 36.97
C ASP A 9 -20.29 24.01 35.87
N LYS A 10 -21.36 23.29 36.21
CA LYS A 10 -22.45 22.96 35.28
C LYS A 10 -22.94 24.13 34.41
N THR A 11 -23.01 25.32 34.98
CA THR A 11 -23.43 26.51 34.24
C THR A 11 -22.37 26.96 33.24
N ASP A 12 -21.13 27.06 33.68
CA ASP A 12 -20.03 27.53 32.84
C ASP A 12 -20.00 26.77 31.51
N ILE A 13 -20.17 25.46 31.58
CA ILE A 13 -20.18 24.64 30.38
C ILE A 13 -21.34 25.03 29.49
N LYS A 14 -22.53 25.19 30.07
CA LYS A 14 -23.69 25.60 29.27
C LYS A 14 -23.32 26.84 28.48
N ILE A 15 -22.84 27.85 29.19
CA ILE A 15 -22.32 29.07 28.57
C ILE A 15 -21.44 28.74 27.35
N LEU A 16 -20.64 27.68 27.44
CA LEU A 16 -19.80 27.27 26.32
C LEU A 16 -20.63 26.56 25.23
N GLN A 17 -21.63 25.76 25.63
CA GLN A 17 -22.44 25.04 24.66
C GLN A 17 -23.24 25.99 23.78
N VAL A 18 -23.93 26.91 24.44
CA VAL A 18 -24.79 27.87 23.79
C VAL A 18 -23.99 28.82 22.92
N LEU A 19 -22.85 29.27 23.45
CA LEU A 19 -21.94 30.10 22.66
C LEU A 19 -21.43 29.36 21.45
N GLN A 20 -20.90 28.15 21.64
CA GLN A 20 -20.33 27.37 20.53
C GLN A 20 -21.26 27.25 19.32
N GLU A 21 -22.56 27.50 19.52
CA GLU A 21 -23.53 27.45 18.43
C GLU A 21 -23.90 28.87 18.00
N ASN A 22 -24.15 29.75 18.97
CA ASN A 22 -24.40 31.16 18.67
C ASN A 22 -23.38 32.07 19.37
N GLY A 23 -22.27 32.31 18.70
CA GLY A 23 -21.19 33.10 19.27
C GLY A 23 -21.34 34.60 19.22
N ARG A 24 -22.50 35.10 18.81
CA ARG A 24 -22.66 36.55 18.69
C ARG A 24 -23.78 37.08 19.58
N LEU A 25 -24.17 36.30 20.59
CA LEU A 25 -25.22 36.73 21.50
C LEU A 25 -24.82 38.00 22.24
N THR A 26 -25.82 38.71 22.76
CA THR A 26 -25.59 39.85 23.64
C THR A 26 -25.39 39.31 25.05
N ASN A 27 -24.63 40.00 25.88
CA ASN A 27 -24.40 39.51 27.23
C ASN A 27 -25.72 39.30 27.97
N VAL A 28 -26.72 40.12 27.64
CA VAL A 28 -28.05 39.93 28.20
C VAL A 28 -28.59 38.60 27.73
N GLU A 29 -28.62 38.40 26.41
CA GLU A 29 -29.14 37.17 25.83
C GLU A 29 -28.51 35.93 26.47
N LEU A 30 -27.22 35.99 26.76
CA LEU A 30 -26.51 34.91 27.43
C LEU A 30 -26.96 34.78 28.88
N SER A 31 -27.03 35.92 29.58
CA SER A 31 -27.54 35.97 30.95
C SER A 31 -28.88 35.26 31.03
N GLU A 32 -29.68 35.43 29.99
CA GLU A 32 -31.05 34.96 29.99
C GLU A 32 -31.25 33.46 29.73
N ARG A 33 -30.18 32.75 29.35
CA ARG A 33 -30.25 31.29 29.19
C ARG A 33 -29.31 30.48 30.07
N VAL A 34 -28.25 31.11 30.57
CA VAL A 34 -27.29 30.40 31.39
C VAL A 34 -27.73 30.38 32.85
N ALA A 35 -28.75 31.17 33.18
CA ALA A 35 -29.23 31.32 34.55
C ALA A 35 -28.20 32.10 35.39
N LEU A 36 -27.68 33.18 34.83
CA LEU A 36 -26.75 34.06 35.53
C LEU A 36 -27.14 35.50 35.32
N SER A 37 -27.03 36.29 36.38
CA SER A 37 -27.24 37.73 36.28
C SER A 37 -26.26 38.30 35.25
N PRO A 38 -26.65 39.37 34.55
CA PRO A 38 -25.78 40.03 33.57
C PRO A 38 -24.39 40.44 34.08
N SER A 39 -24.23 40.68 35.38
CA SER A 39 -22.91 40.97 35.90
C SER A 39 -22.05 39.69 36.00
N PRO A 40 -22.50 38.67 36.76
CA PRO A 40 -21.69 37.45 36.86
C PRO A 40 -21.46 36.76 35.51
N CYS A 41 -22.55 36.55 34.78
CA CYS A 41 -22.51 35.98 33.45
C CYS A 41 -21.41 36.65 32.64
N LEU A 42 -21.36 37.98 32.70
CA LEU A 42 -20.32 38.71 32.00
C LEU A 42 -18.95 38.28 32.49
N ARG A 43 -18.64 38.58 33.74
CA ARG A 43 -17.31 38.30 34.30
C ARG A 43 -16.84 36.90 33.95
N ARG A 44 -17.74 35.93 34.04
CA ARG A 44 -17.33 34.55 33.82
C ARG A 44 -16.78 34.37 32.40
N LEU A 45 -17.60 34.66 31.39
CA LEU A 45 -17.20 34.50 29.98
C LEU A 45 -15.83 35.12 29.72
N LYS A 46 -15.48 36.12 30.51
CA LYS A 46 -14.16 36.74 30.44
C LYS A 46 -13.12 35.84 31.10
N GLN A 47 -13.45 35.36 32.30
CA GLN A 47 -12.60 34.39 32.98
C GLN A 47 -12.34 33.24 32.04
N LEU A 48 -13.38 32.83 31.33
CA LEU A 48 -13.31 31.73 30.37
C LEU A 48 -12.38 32.03 29.20
N GLU A 49 -12.53 33.21 28.60
CA GLU A 49 -11.74 33.53 27.40
C GLU A 49 -10.30 33.87 27.78
N ASP A 50 -10.11 34.47 28.94
CA ASP A 50 -8.77 34.75 29.44
C ASP A 50 -8.03 33.48 29.84
N ALA A 51 -8.76 32.54 30.43
CA ALA A 51 -8.19 31.25 30.86
C ALA A 51 -7.64 30.44 29.70
N GLY A 52 -8.20 30.63 28.51
CA GLY A 52 -7.80 29.87 27.33
C GLY A 52 -8.85 28.86 26.88
N ILE A 53 -10.00 28.83 27.54
CA ILE A 53 -11.09 27.95 27.13
C ILE A 53 -11.65 28.45 25.79
N VAL A 54 -12.18 29.67 25.78
CA VAL A 54 -12.68 30.27 24.55
C VAL A 54 -11.52 30.96 23.83
N ARG A 55 -10.99 30.30 22.81
CA ARG A 55 -9.81 30.82 22.13
C ARG A 55 -10.12 31.89 21.09
N GLN A 56 -11.34 31.90 20.55
CA GLN A 56 -11.79 32.99 19.66
C GLN A 56 -13.24 32.89 19.26
N TYR A 57 -13.80 34.02 18.83
CA TYR A 57 -15.12 34.07 18.23
C TYR A 57 -14.93 34.38 16.75
N ALA A 58 -15.46 33.53 15.89
CA ALA A 58 -15.25 33.66 14.44
C ALA A 58 -16.57 33.58 13.69
N ALA A 59 -16.59 34.29 12.57
CA ALA A 59 -17.69 34.16 11.61
C ALA A 59 -17.36 32.96 10.73
N LEU A 60 -18.31 32.03 10.63
CA LEU A 60 -18.14 30.87 9.74
C LEU A 60 -18.87 31.13 8.41
N LEU A 61 -18.10 31.17 7.33
CA LEU A 61 -18.62 31.48 5.99
C LEU A 61 -18.87 30.21 5.18
N SER A 62 -19.72 30.33 4.15
CA SER A 62 -20.03 29.20 3.27
C SER A 62 -19.08 29.19 2.09
N PRO A 63 -18.22 28.16 2.02
CA PRO A 63 -17.27 27.99 0.94
C PRO A 63 -17.84 28.26 -0.44
N GLU A 64 -18.95 27.60 -0.75
CA GLU A 64 -19.56 27.67 -2.07
C GLU A 64 -20.04 29.08 -2.33
N SER A 65 -20.55 29.74 -1.29
CA SER A 65 -21.04 31.10 -1.43
C SER A 65 -19.94 32.06 -1.84
N VAL A 66 -18.69 31.74 -1.51
CA VAL A 66 -17.56 32.58 -1.90
C VAL A 66 -16.70 31.87 -2.96
N ASN A 67 -17.36 31.16 -3.86
CA ASN A 67 -16.73 30.55 -5.05
C ASN A 67 -15.67 29.49 -4.76
N LEU A 68 -15.43 29.19 -3.48
CA LEU A 68 -14.47 28.17 -3.09
C LEU A 68 -15.18 26.84 -2.90
N GLY A 69 -15.37 26.10 -3.98
CA GLY A 69 -16.10 24.83 -3.93
C GLY A 69 -15.21 23.65 -4.27
N LEU A 70 -14.02 23.64 -3.72
CA LEU A 70 -13.14 22.50 -3.90
C LEU A 70 -12.26 22.40 -2.68
N GLN A 71 -12.67 21.51 -1.79
CA GLN A 71 -11.97 21.26 -0.54
C GLN A 71 -10.99 20.11 -0.78
N ALA A 72 -9.74 20.30 -0.38
CA ALA A 72 -8.67 19.32 -0.58
C ALA A 72 -8.03 18.88 0.74
N PHE A 73 -7.84 17.57 0.89
CA PHE A 73 -7.07 17.02 2.00
C PHE A 73 -5.78 16.50 1.42
N ILE A 74 -4.70 17.25 1.61
CA ILE A 74 -3.40 16.86 1.08
C ILE A 74 -2.64 16.07 2.15
N ARG A 75 -2.08 14.92 1.77
CA ARG A 75 -1.18 14.15 2.60
C ARG A 75 0.23 14.37 2.10
N VAL A 76 1.07 14.98 2.93
CA VAL A 76 2.40 15.42 2.52
C VAL A 76 3.50 14.68 3.27
N SER A 77 4.65 14.56 2.63
CA SER A 77 5.83 13.95 3.24
C SER A 77 6.95 14.98 3.27
N ILE A 78 7.51 15.21 4.46
CA ILE A 78 8.57 16.20 4.63
C ILE A 78 9.93 15.52 4.68
N ARG A 79 10.91 16.14 4.00
CA ARG A 79 12.28 15.64 3.95
C ARG A 79 12.91 15.75 5.32
N LYS A 80 13.63 14.70 5.73
CA LYS A 80 14.20 14.63 7.06
C LYS A 80 15.48 15.47 7.12
N ALA A 81 15.34 16.71 7.58
CA ALA A 81 16.47 17.64 7.64
C ALA A 81 16.40 18.59 8.83
N LYS A 82 17.51 19.29 9.06
CA LYS A 82 17.65 20.27 10.15
C LYS A 82 16.74 21.49 9.95
N ASP A 83 16.65 21.97 8.71
CA ASP A 83 15.88 23.16 8.39
C ASP A 83 14.56 22.76 7.70
N ALA A 84 14.11 21.53 7.93
CA ALA A 84 12.97 20.98 7.20
C ALA A 84 11.66 21.32 7.90
N ARG A 85 11.31 20.53 8.90
CA ARG A 85 9.99 20.61 9.54
C ARG A 85 9.66 22.01 10.04
N GLU A 86 10.68 22.84 10.27
CA GLU A 86 10.45 24.23 10.65
C GLU A 86 10.00 25.04 9.45
N ASP A 87 10.84 25.15 8.43
CA ASP A 87 10.55 25.93 7.22
C ASP A 87 9.14 25.68 6.67
N PHE A 88 8.79 24.40 6.50
CA PHE A 88 7.48 24.02 6.02
C PHE A 88 6.34 24.51 6.93
N ALA A 89 6.52 24.36 8.24
CA ALA A 89 5.51 24.82 9.19
C ALA A 89 5.26 26.32 9.04
N ALA A 90 6.35 27.07 8.83
CA ALA A 90 6.27 28.53 8.69
C ALA A 90 5.68 28.94 7.36
N SER A 91 5.91 28.15 6.32
CA SER A 91 5.36 28.45 5.00
C SER A 91 3.87 28.17 4.98
N VAL A 92 3.46 26.98 5.41
CA VAL A 92 2.03 26.63 5.48
C VAL A 92 1.20 27.69 6.19
N ARG A 93 1.79 28.30 7.21
CA ARG A 93 1.12 29.34 7.98
C ARG A 93 0.81 30.59 7.17
N LYS A 94 1.59 30.83 6.11
CA LYS A 94 1.37 31.98 5.23
C LYS A 94 0.67 31.59 3.93
N TRP A 95 0.11 30.37 3.87
CA TRP A 95 -0.66 29.95 2.71
C TRP A 95 -2.15 29.96 3.03
N PRO A 96 -2.83 31.08 2.68
CA PRO A 96 -4.22 31.31 3.03
C PRO A 96 -5.15 30.17 2.63
N GLU A 97 -4.90 29.58 1.47
CA GLU A 97 -5.76 28.53 0.94
C GLU A 97 -5.72 27.25 1.78
N VAL A 98 -4.67 27.06 2.57
CA VAL A 98 -4.60 25.97 3.54
C VAL A 98 -5.04 26.47 4.89
N LEU A 99 -6.22 26.03 5.31
CA LEU A 99 -6.77 26.38 6.62
C LEU A 99 -6.01 25.63 7.71
N SER A 100 -6.10 24.30 7.69
CA SER A 100 -5.56 23.48 8.77
C SER A 100 -4.43 22.59 8.28
N CYS A 101 -3.58 22.17 9.21
CA CYS A 101 -2.42 21.33 8.93
C CYS A 101 -2.07 20.53 10.17
N PHE A 102 -1.96 19.22 10.05
CA PHE A 102 -1.75 18.36 11.22
C PHE A 102 -0.59 17.41 10.98
N ALA A 103 0.31 17.32 11.95
CA ALA A 103 1.30 16.27 11.97
C ALA A 103 0.60 15.11 12.67
N LEU A 104 0.32 14.08 11.89
CA LEU A 104 -0.45 12.95 12.40
C LEU A 104 0.38 11.69 12.30
N THR A 105 -0.05 10.67 13.03
CA THR A 105 0.62 9.38 13.03
C THR A 105 0.18 8.57 11.83
N GLY A 106 0.86 7.45 11.57
CA GLY A 106 0.58 6.64 10.38
C GLY A 106 1.50 6.95 9.21
N GLU A 107 1.07 6.55 8.02
CA GLU A 107 1.91 6.67 6.81
C GLU A 107 2.10 8.10 6.33
N THR A 108 1.12 8.94 6.63
CA THR A 108 1.23 10.35 6.31
C THR A 108 1.96 11.08 7.44
N ASP A 109 2.93 11.92 7.06
CA ASP A 109 3.59 12.79 8.01
C ASP A 109 2.66 13.96 8.37
N TYR A 110 2.13 14.61 7.34
CA TYR A 110 1.31 15.81 7.49
C TYR A 110 0.01 15.72 6.69
N LEU A 111 -1.07 16.23 7.29
CA LEU A 111 -2.36 16.27 6.63
C LEU A 111 -2.81 17.72 6.53
N LEU A 112 -3.22 18.12 5.34
CA LEU A 112 -3.57 19.52 5.08
C LEU A 112 -5.01 19.61 4.62
N GLN A 113 -5.69 20.65 5.07
CA GLN A 113 -7.08 20.90 4.70
C GLN A 113 -7.07 22.25 4.01
N ALA A 114 -7.46 22.27 2.74
CA ALA A 114 -7.31 23.47 1.94
C ALA A 114 -8.47 23.69 0.97
N PHE A 115 -8.81 24.97 0.73
CA PHE A 115 -9.92 25.33 -0.14
C PHE A 115 -9.48 26.04 -1.40
N PHE A 116 -10.13 25.71 -2.51
CA PHE A 116 -9.75 26.20 -3.83
C PHE A 116 -10.99 26.47 -4.67
N THR A 117 -10.84 27.37 -5.65
CA THR A 117 -11.95 27.71 -6.55
C THR A 117 -12.27 26.56 -7.49
N ASP A 118 -11.23 26.04 -8.15
CA ASP A 118 -11.39 24.85 -9.00
C ASP A 118 -10.11 23.97 -9.10
N ASN A 120 -8.07 23.57 -11.37
CA ASN A 120 -6.97 24.27 -12.02
C ASN A 120 -6.17 25.07 -11.02
N ALA A 121 -6.85 25.87 -10.21
CA ALA A 121 -6.21 26.61 -9.12
C ALA A 121 -5.45 25.65 -8.23
N PHE A 122 -6.09 24.54 -7.86
CA PHE A 122 -5.38 23.52 -7.09
C PHE A 122 -4.07 23.19 -7.80
N SER A 123 -4.19 22.86 -9.08
CA SER A 123 -3.05 22.46 -9.88
C SER A 123 -1.91 23.44 -9.68
N HIS A 124 -2.22 24.73 -9.82
CA HIS A 124 -1.22 25.77 -9.68
C HIS A 124 -0.61 25.73 -8.30
N PHE A 125 -1.46 25.56 -7.29
CA PHE A 125 -0.98 25.50 -5.92
C PHE A 125 0.05 24.37 -5.75
N VAL A 126 -0.41 23.13 -5.93
CA VAL A 126 0.42 21.98 -5.66
C VAL A 126 1.72 22.06 -6.46
N LEU A 127 1.61 22.22 -7.77
CA LEU A 127 2.79 22.25 -8.65
C LEU A 127 3.72 23.45 -8.38
N ASP A 128 3.15 24.64 -8.28
CA ASP A 128 3.98 25.84 -8.24
C ASP A 128 4.43 26.26 -6.86
N THR A 129 3.80 25.74 -5.81
CA THR A 129 4.11 26.23 -4.46
C THR A 129 4.26 25.14 -3.39
N LEU A 130 3.34 24.17 -3.33
CA LEU A 130 3.43 23.10 -2.32
C LEU A 130 4.61 22.17 -2.61
N LEU A 131 4.64 21.63 -3.84
CA LEU A 131 5.76 20.79 -4.27
C LEU A 131 7.04 21.57 -4.57
N SER A 132 6.93 22.87 -4.82
CA SER A 132 8.12 23.70 -5.08
C SER A 132 8.92 23.96 -3.80
N HIS A 133 8.26 23.83 -2.65
CA HIS A 133 8.91 23.99 -1.34
C HIS A 133 10.01 22.93 -1.21
N HIS A 134 11.16 23.32 -0.68
CA HIS A 134 12.31 22.42 -0.61
C HIS A 134 12.17 21.31 0.45
N GLY A 135 11.39 21.55 1.50
CA GLY A 135 11.09 20.50 2.48
C GLY A 135 10.15 19.43 1.96
N VAL A 136 9.25 19.80 1.04
CA VAL A 136 8.23 18.89 0.54
C VAL A 136 8.83 17.79 -0.34
N GLN A 137 8.81 16.56 0.16
CA GLN A 137 9.29 15.40 -0.59
C GLN A 137 8.21 14.83 -1.50
N ASP A 138 7.00 14.66 -0.96
CA ASP A 138 5.93 13.98 -1.68
C ASP A 138 4.57 14.56 -1.27
N ALA A 139 3.66 14.63 -2.23
CA ALA A 139 2.29 15.11 -2.01
C ALA A 139 1.27 14.10 -2.56
N GLN A 140 0.20 13.83 -1.80
CA GLN A 140 -0.87 12.93 -2.25
C GLN A 140 -2.23 13.43 -1.79
N SER A 141 -3.00 14.03 -2.69
CA SER A 141 -4.21 14.73 -2.29
C SER A 141 -5.50 14.06 -2.76
N SER A 142 -6.54 14.16 -1.92
CA SER A 142 -7.89 13.70 -2.24
C SER A 142 -8.84 14.89 -2.12
N PHE A 143 -10.09 14.70 -2.54
CA PHE A 143 -11.08 15.79 -2.55
C PHE A 143 -12.43 15.36 -1.98
N VAL A 144 -13.12 16.31 -1.34
CA VAL A 144 -14.38 16.04 -0.70
C VAL A 144 -15.50 16.01 -1.73
N LEU A 145 -16.12 14.84 -1.86
CA LEU A 145 -17.26 14.67 -2.76
C LEU A 145 -18.54 15.18 -2.10
N LYS A 146 -18.65 14.98 -0.78
CA LYS A 146 -19.88 15.30 -0.07
C LYS A 146 -19.56 15.52 1.42
N GLU A 147 -20.16 16.56 1.99
CA GLU A 147 -19.90 16.95 3.36
C GLU A 147 -21.06 16.45 4.22
N ILE A 148 -20.91 15.27 4.82
CA ILE A 148 -21.98 14.66 5.62
C ILE A 148 -22.28 15.44 6.90
N LYS A 149 -21.26 16.07 7.46
CA LYS A 149 -21.38 16.77 8.74
C LYS A 149 -20.13 17.60 8.99
N HIS A 150 -20.33 18.84 9.44
CA HIS A 150 -19.21 19.72 9.76
C HIS A 150 -19.63 20.73 10.81
N THR A 151 -19.01 20.65 11.98
CA THR A 151 -19.31 21.56 13.07
C THR A 151 -18.03 21.93 13.81
N THR A 152 -18.01 23.13 14.37
CA THR A 152 -16.88 23.63 15.14
C THR A 152 -17.04 23.19 16.60
N SER A 153 -18.28 22.96 16.99
CA SER A 153 -18.66 22.68 18.37
C SER A 153 -18.03 21.41 18.91
N LEU A 154 -17.21 21.56 19.95
CA LEU A 154 -16.72 20.41 20.72
C LEU A 154 -17.82 19.83 21.60
N PRO A 155 -17.70 18.55 21.97
CA PRO A 155 -18.59 17.94 22.96
C PRO A 155 -18.09 18.26 24.35
N LEU A 156 -18.99 18.43 25.32
CA LEU A 156 -18.58 18.81 26.68
C LEU A 156 -19.27 18.02 27.81
N ASN A 157 -19.98 16.96 27.44
CA ASN A 157 -20.73 16.16 28.40
C ASN A 157 -19.80 15.42 29.34
N HIS A 158 -18.60 15.15 28.84
CA HIS A 158 -17.55 14.50 29.62
C HIS A 158 -17.10 15.31 30.83
N LEU A 159 -17.49 16.57 30.91
CA LEU A 159 -17.12 17.39 32.05
C LEU A 159 -18.20 17.41 33.12
N LEU A 160 -19.36 16.84 32.81
CA LEU A 160 -20.51 16.86 33.72
C LEU A 160 -20.42 15.74 34.76
N GLN B 5 -27.94 37.07 -7.22
CA GLN B 5 -26.71 37.00 -6.38
C GLN B 5 -26.16 38.40 -6.08
N LEU B 6 -25.46 38.53 -4.96
CA LEU B 6 -24.83 39.79 -4.54
C LEU B 6 -23.56 40.08 -5.32
N THR B 7 -23.02 41.27 -5.12
CA THR B 7 -21.75 41.68 -5.71
C THR B 7 -20.85 42.23 -4.62
N LEU B 8 -19.80 41.50 -4.28
CA LEU B 8 -18.96 41.85 -3.13
C LEU B 8 -17.69 42.62 -3.55
N ASP B 9 -17.39 43.69 -2.83
CA ASP B 9 -16.24 44.56 -3.14
C ASP B 9 -15.21 44.57 -2.02
N LYS B 10 -14.20 45.44 -2.15
CA LYS B 10 -13.14 45.53 -1.14
C LYS B 10 -13.72 45.69 0.27
N THR B 11 -14.62 46.65 0.44
CA THR B 11 -15.18 46.96 1.76
C THR B 11 -16.09 45.86 2.33
N ASP B 12 -16.66 45.03 1.46
CA ASP B 12 -17.50 43.91 1.90
C ASP B 12 -16.64 42.72 2.29
N ILE B 13 -15.58 42.49 1.53
CA ILE B 13 -14.61 41.43 1.81
C ILE B 13 -13.92 41.68 3.13
N LYS B 14 -13.41 42.90 3.32
CA LYS B 14 -12.80 43.26 4.60
C LYS B 14 -13.75 42.91 5.75
N ILE B 15 -15.04 43.25 5.61
CA ILE B 15 -16.03 42.88 6.62
C ILE B 15 -15.95 41.39 6.96
N LEU B 16 -15.90 40.57 5.93
CA LEU B 16 -15.87 39.12 6.10
C LEU B 16 -14.52 38.67 6.70
N GLN B 17 -13.42 39.22 6.20
CA GLN B 17 -12.08 38.95 6.72
C GLN B 17 -12.01 39.27 8.21
N VAL B 18 -12.47 40.47 8.52
CA VAL B 18 -12.49 40.97 9.89
C VAL B 18 -13.33 40.07 10.79
N LEU B 19 -14.53 39.75 10.33
CA LEU B 19 -15.46 38.92 11.11
C LEU B 19 -15.00 37.47 11.25
N GLN B 20 -14.42 36.90 10.20
CA GLN B 20 -13.96 35.52 10.27
C GLN B 20 -12.95 35.27 11.40
N GLU B 21 -12.36 36.34 11.91
CA GLU B 21 -11.40 36.25 12.99
C GLU B 21 -11.97 36.81 14.29
N ASN B 22 -12.74 37.90 14.17
CA ASN B 22 -13.38 38.55 15.31
C ASN B 22 -14.89 38.49 15.15
N GLY B 23 -15.45 37.30 15.31
CA GLY B 23 -16.89 37.08 15.16
C GLY B 23 -17.77 37.75 16.19
N ARG B 24 -17.16 38.44 17.16
CA ARG B 24 -17.89 39.05 18.26
C ARG B 24 -17.74 40.58 18.35
N LEU B 25 -17.13 41.21 17.35
CA LEU B 25 -17.01 42.67 17.31
C LEU B 25 -18.40 43.27 17.30
N THR B 26 -18.53 44.49 17.82
CA THR B 26 -19.83 45.18 17.82
C THR B 26 -20.12 45.61 16.39
N ASN B 27 -21.21 46.32 16.16
CA ASN B 27 -21.43 46.94 14.85
C ASN B 27 -20.58 48.19 14.75
N VAL B 28 -20.44 48.90 15.87
CA VAL B 28 -19.67 50.12 15.91
C VAL B 28 -18.22 49.82 15.56
N GLU B 29 -17.62 48.89 16.32
CA GLU B 29 -16.24 48.49 16.10
C GLU B 29 -16.07 48.07 14.65
N LEU B 30 -16.92 47.15 14.23
CA LEU B 30 -16.90 46.63 12.86
C LEU B 30 -16.99 47.75 11.81
N SER B 31 -17.73 48.80 12.13
CA SER B 31 -17.94 49.93 11.22
C SER B 31 -16.70 50.79 11.08
N GLU B 32 -15.87 50.84 12.12
CA GLU B 32 -14.66 51.64 12.09
C GLU B 32 -13.53 50.89 11.41
N ARG B 33 -13.48 49.57 11.62
CA ARG B 33 -12.47 48.72 10.99
C ARG B 33 -12.62 48.62 9.48
N VAL B 34 -13.83 48.79 8.97
CA VAL B 34 -14.06 48.72 7.53
C VAL B 34 -14.37 50.10 6.92
N ALA B 35 -14.39 51.14 7.76
CA ALA B 35 -14.60 52.52 7.31
C ALA B 35 -15.99 52.75 6.70
N LEU B 36 -17.03 52.44 7.46
CA LEU B 36 -18.43 52.69 7.08
C LEU B 36 -19.19 53.34 8.22
N SER B 37 -20.31 53.99 7.90
CA SER B 37 -21.27 54.41 8.93
C SER B 37 -21.91 53.14 9.48
N PRO B 38 -22.02 53.03 10.80
CA PRO B 38 -22.72 51.88 11.40
C PRO B 38 -24.01 51.47 10.66
N SER B 39 -24.83 52.44 10.29
CA SER B 39 -26.15 52.13 9.70
C SER B 39 -26.09 51.29 8.41
N PRO B 40 -25.35 51.77 7.38
CA PRO B 40 -25.19 50.94 6.18
C PRO B 40 -24.27 49.75 6.37
N CYS B 41 -23.24 49.91 7.20
CA CYS B 41 -22.38 48.80 7.55
C CYS B 41 -23.29 47.66 7.95
N LEU B 42 -24.05 47.88 9.02
CA LEU B 42 -25.01 46.91 9.51
C LEU B 42 -25.80 46.28 8.37
N ARG B 43 -26.49 47.10 7.59
CA ARG B 43 -27.27 46.59 6.44
C ARG B 43 -26.42 45.60 5.67
N ARG B 44 -25.20 46.01 5.34
CA ARG B 44 -24.32 45.17 4.55
C ARG B 44 -24.22 43.82 5.24
N LEU B 45 -23.77 43.81 6.48
CA LEU B 45 -23.54 42.56 7.19
C LEU B 45 -24.78 41.67 7.19
N LYS B 46 -25.96 42.28 7.36
CA LYS B 46 -27.21 41.53 7.28
C LYS B 46 -27.39 41.01 5.86
N GLN B 47 -27.02 41.85 4.88
CA GLN B 47 -27.08 41.45 3.49
C GLN B 47 -26.16 40.26 3.25
N LEU B 48 -24.94 40.35 3.80
CA LEU B 48 -23.97 39.27 3.71
C LEU B 48 -24.47 37.99 4.36
N GLU B 49 -25.24 38.12 5.44
CA GLU B 49 -25.90 36.97 6.06
C GLU B 49 -27.08 36.52 5.21
N ASP B 50 -27.88 37.50 4.78
CA ASP B 50 -29.09 37.23 3.98
C ASP B 50 -28.76 36.57 2.66
N ALA B 51 -27.51 36.73 2.21
CA ALA B 51 -27.05 36.11 0.97
C ALA B 51 -26.51 34.69 1.16
N GLY B 52 -26.43 34.19 2.38
CA GLY B 52 -25.95 32.85 2.63
C GLY B 52 -24.45 32.75 2.81
N ILE B 53 -23.74 33.88 2.72
CA ILE B 53 -22.29 33.87 2.91
C ILE B 53 -21.97 33.51 4.36
N VAL B 54 -22.55 34.23 5.31
CA VAL B 54 -22.30 33.97 6.74
C VAL B 54 -23.23 32.86 7.24
N ARG B 55 -22.68 31.65 7.38
CA ARG B 55 -23.47 30.49 7.73
C ARG B 55 -23.76 30.43 9.23
N GLN B 56 -22.83 30.93 10.04
CA GLN B 56 -22.91 30.77 11.49
C GLN B 56 -21.83 31.56 12.22
N TYR B 57 -22.22 32.10 13.37
CA TYR B 57 -21.28 32.70 14.32
C TYR B 57 -21.10 31.73 15.49
N ALA B 58 -19.88 31.31 15.77
CA ALA B 58 -19.64 30.34 16.83
C ALA B 58 -18.43 30.69 17.67
N ALA B 59 -18.48 30.26 18.92
CA ALA B 59 -17.34 30.35 19.83
C ALA B 59 -16.48 29.11 19.61
N LEU B 60 -15.16 29.32 19.61
CA LEU B 60 -14.21 28.23 19.34
C LEU B 60 -13.40 27.91 20.58
N LEU B 61 -13.52 26.69 21.06
CA LEU B 61 -12.91 26.30 22.31
C LEU B 61 -11.60 25.59 22.07
N SER B 62 -10.77 25.53 23.11
CA SER B 62 -9.51 24.80 23.04
C SER B 62 -9.73 23.41 23.64
N PRO B 63 -9.80 22.39 22.79
CA PRO B 63 -9.98 21.01 23.24
C PRO B 63 -9.17 20.67 24.49
N GLU B 64 -7.86 20.93 24.46
CA GLU B 64 -6.98 20.66 25.60
C GLU B 64 -7.61 21.19 26.89
N SER B 65 -8.06 22.44 26.82
CA SER B 65 -8.74 23.13 27.91
C SER B 65 -9.98 22.40 28.47
N VAL B 66 -10.67 21.63 27.63
CA VAL B 66 -11.83 20.82 28.05
C VAL B 66 -11.50 19.33 28.03
N ASN B 67 -10.26 19.01 28.39
CA ASN B 67 -9.77 17.63 28.54
C ASN B 67 -9.91 16.70 27.31
N LEU B 68 -10.33 17.24 26.16
CA LEU B 68 -10.31 16.48 24.90
C LEU B 68 -8.92 16.60 24.29
N GLY B 69 -7.98 15.83 24.83
CA GLY B 69 -6.59 15.90 24.41
C GLY B 69 -6.26 15.07 23.19
N LEU B 70 -7.14 14.14 22.85
CA LEU B 70 -6.87 13.25 21.73
C LEU B 70 -7.84 13.46 20.57
N GLN B 71 -7.31 14.06 19.50
CA GLN B 71 -8.01 14.27 18.23
C GLN B 71 -7.65 13.14 17.27
N ALA B 72 -8.65 12.60 16.59
CA ALA B 72 -8.46 11.51 15.62
C ALA B 72 -8.84 11.90 14.18
N PHE B 73 -8.33 11.13 13.23
CA PHE B 73 -8.78 11.16 11.84
C PHE B 73 -9.02 9.73 11.42
N ILE B 74 -10.29 9.31 11.41
CA ILE B 74 -10.66 7.91 11.18
C ILE B 74 -11.07 7.68 9.74
N ARG B 75 -10.27 6.91 9.00
CA ARG B 75 -10.62 6.55 7.62
C ARG B 75 -11.48 5.30 7.66
N VAL B 76 -12.79 5.51 7.61
CA VAL B 76 -13.75 4.41 7.65
C VAL B 76 -14.20 4.04 6.25
N SER B 77 -14.54 2.76 6.05
CA SER B 77 -15.01 2.26 4.77
C SER B 77 -16.41 1.66 4.91
N ILE B 78 -17.32 2.13 4.07
CA ILE B 78 -18.73 1.80 4.20
C ILE B 78 -19.10 0.61 3.35
N ARG B 79 -20.02 -0.21 3.86
CA ARG B 79 -20.47 -1.40 3.15
C ARG B 79 -21.22 -1.08 1.89
N LYS B 80 -21.39 -2.11 1.06
CA LYS B 80 -22.16 -2.01 -0.16
C LYS B 80 -23.60 -2.46 0.11
N ALA B 81 -24.42 -1.47 0.41
CA ALA B 81 -25.86 -1.62 0.38
C ALA B 81 -26.34 -0.43 -0.44
N LYS B 82 -27.57 -0.03 -0.20
CA LYS B 82 -28.07 1.26 -0.66
C LYS B 82 -28.24 2.13 0.58
N ASP B 83 -28.91 1.58 1.58
CA ASP B 83 -29.20 2.28 2.83
C ASP B 83 -27.96 2.51 3.69
N ALA B 84 -26.89 1.73 3.47
CA ALA B 84 -25.67 1.84 4.27
C ALA B 84 -25.14 3.27 4.32
N ARG B 85 -25.08 3.92 3.16
CA ARG B 85 -24.57 5.30 3.07
C ARG B 85 -25.43 6.28 3.88
N GLU B 86 -26.73 6.03 3.93
CA GLU B 86 -27.64 6.96 4.59
C GLU B 86 -27.75 6.65 6.08
N ASP B 87 -27.96 5.39 6.43
CA ASP B 87 -27.99 5.00 7.84
C ASP B 87 -26.74 5.54 8.54
N PHE B 88 -25.59 5.31 7.92
CA PHE B 88 -24.30 5.73 8.46
C PHE B 88 -24.20 7.24 8.63
N ALA B 89 -24.47 7.97 7.55
CA ALA B 89 -24.48 9.42 7.58
C ALA B 89 -25.36 9.93 8.74
N ALA B 90 -26.59 9.42 8.80
CA ALA B 90 -27.58 9.80 9.82
C ALA B 90 -27.15 9.43 11.24
N SER B 91 -26.35 8.38 11.37
CA SER B 91 -25.82 7.99 12.67
C SER B 91 -24.65 8.85 13.09
N VAL B 92 -23.72 9.11 12.15
CA VAL B 92 -22.55 9.97 12.39
C VAL B 92 -22.99 11.37 12.83
N ARG B 93 -24.11 11.83 12.29
CA ARG B 93 -24.66 13.13 12.69
C ARG B 93 -24.94 13.16 14.19
N LYS B 94 -25.32 12.03 14.76
CA LYS B 94 -25.73 11.98 16.16
C LYS B 94 -24.56 11.73 17.13
N TRP B 95 -23.37 11.45 16.59
CA TRP B 95 -22.19 11.26 17.43
C TRP B 95 -21.49 12.59 17.69
N PRO B 96 -21.68 13.16 18.89
CA PRO B 96 -21.09 14.47 19.18
C PRO B 96 -19.56 14.48 19.17
N GLU B 97 -18.92 13.38 19.51
CA GLU B 97 -17.45 13.28 19.51
C GLU B 97 -16.89 13.39 18.08
N VAL B 98 -17.73 13.07 17.10
CA VAL B 98 -17.39 13.21 15.68
C VAL B 98 -17.87 14.56 15.17
N LEU B 99 -16.93 15.49 14.99
CA LEU B 99 -17.23 16.86 14.56
C LEU B 99 -17.48 16.96 13.05
N SER B 100 -16.58 16.38 12.27
CA SER B 100 -16.64 16.47 10.83
C SER B 100 -16.72 15.11 10.21
N CYS B 101 -17.11 15.09 8.93
CA CYS B 101 -17.22 13.87 8.15
C CYS B 101 -17.24 14.24 6.65
N PHE B 102 -16.43 13.56 5.83
CA PHE B 102 -16.30 13.90 4.41
C PHE B 102 -16.15 12.66 3.54
N ALA B 103 -17.01 12.55 2.53
CA ALA B 103 -16.83 11.54 1.51
C ALA B 103 -15.69 12.00 0.62
N LEU B 104 -14.55 11.33 0.71
CA LEU B 104 -13.37 11.72 -0.04
C LEU B 104 -13.15 10.84 -1.26
N THR B 105 -12.29 11.34 -2.14
CA THR B 105 -11.81 10.57 -3.27
C THR B 105 -10.60 9.75 -2.80
N GLY B 106 -10.17 8.78 -3.61
CA GLY B 106 -9.05 7.91 -3.25
C GLY B 106 -9.50 6.68 -2.47
N GLU B 107 -8.55 6.05 -1.79
CA GLU B 107 -8.79 4.75 -1.16
C GLU B 107 -9.65 4.83 0.09
N THR B 108 -9.90 6.05 0.57
CA THR B 108 -10.82 6.30 1.69
C THR B 108 -12.22 6.67 1.22
N ASP B 109 -13.24 5.92 1.69
CA ASP B 109 -14.65 6.24 1.43
C ASP B 109 -15.07 7.48 2.20
N TYR B 110 -14.84 7.44 3.51
CA TYR B 110 -15.18 8.55 4.39
C TYR B 110 -14.02 8.87 5.33
N LEU B 111 -13.82 10.15 5.60
CA LEU B 111 -12.83 10.59 6.58
C LEU B 111 -13.52 11.28 7.75
N LEU B 112 -13.25 10.82 8.96
CA LEU B 112 -13.83 11.43 10.17
C LEU B 112 -12.79 12.20 10.99
N GLN B 113 -13.22 13.34 11.53
CA GLN B 113 -12.46 14.10 12.51
C GLN B 113 -13.24 14.05 13.81
N ALA B 114 -12.64 13.48 14.85
CA ALA B 114 -13.31 13.30 16.13
C ALA B 114 -12.37 13.65 17.28
N PHE B 115 -12.95 14.00 18.42
CA PHE B 115 -12.18 14.35 19.61
C PHE B 115 -12.58 13.46 20.77
N PHE B 116 -11.58 13.04 21.55
CA PHE B 116 -11.80 12.17 22.70
C PHE B 116 -10.90 12.58 23.84
N THR B 117 -11.29 12.15 25.04
CA THR B 117 -10.52 12.43 26.24
C THR B 117 -9.12 11.84 26.09
N ASP B 118 -9.08 10.51 25.90
CA ASP B 118 -7.83 9.76 25.67
C ASP B 118 -8.11 8.48 24.84
N ASN B 120 -8.43 5.18 25.77
CA ASN B 120 -9.51 4.34 26.33
C ASN B 120 -10.82 4.80 25.74
N ALA B 121 -11.10 6.09 25.91
CA ALA B 121 -12.28 6.72 25.33
C ALA B 121 -12.38 6.39 23.84
N PHE B 122 -11.28 6.49 23.11
CA PHE B 122 -11.33 6.16 21.70
C PHE B 122 -11.65 4.68 21.50
N SER B 123 -10.88 3.83 22.14
CA SER B 123 -11.13 2.39 22.10
C SER B 123 -12.61 2.10 22.25
N HIS B 124 -13.22 2.71 23.28
CA HIS B 124 -14.64 2.52 23.59
C HIS B 124 -15.53 2.95 22.44
N PHE B 125 -15.17 4.04 21.75
CA PHE B 125 -15.96 4.50 20.63
C PHE B 125 -15.86 3.54 19.46
N VAL B 126 -14.63 3.30 19.03
CA VAL B 126 -14.39 2.52 17.84
C VAL B 126 -15.04 1.15 17.95
N LEU B 127 -14.71 0.42 19.00
CA LEU B 127 -15.17 -0.97 19.17
C LEU B 127 -16.67 -1.09 19.49
N ASP B 128 -17.23 -0.14 20.22
CA ASP B 128 -18.60 -0.25 20.71
C ASP B 128 -19.62 0.57 19.92
N THR B 129 -19.18 1.43 19.00
CA THR B 129 -20.11 2.28 18.24
C THR B 129 -19.83 2.32 16.75
N LEU B 130 -18.61 2.67 16.38
CA LEU B 130 -18.26 2.84 14.97
C LEU B 130 -18.35 1.50 14.25
N LEU B 131 -17.59 0.53 14.74
CA LEU B 131 -17.59 -0.81 14.15
C LEU B 131 -18.90 -1.57 14.43
N SER B 132 -19.57 -1.20 15.51
CA SER B 132 -20.85 -1.81 15.84
C SER B 132 -21.94 -1.45 14.82
N HIS B 133 -21.81 -0.29 14.18
CA HIS B 133 -22.76 0.15 13.16
C HIS B 133 -22.74 -0.86 12.02
N HIS B 134 -23.91 -1.16 11.50
CA HIS B 134 -24.09 -2.22 10.49
C HIS B 134 -23.47 -1.87 9.13
N GLY B 135 -23.38 -0.59 8.81
CA GLY B 135 -22.83 -0.14 7.53
C GLY B 135 -21.32 -0.09 7.46
N VAL B 136 -20.67 0.07 8.62
CA VAL B 136 -19.22 0.21 8.68
C VAL B 136 -18.57 -1.13 8.39
N GLN B 137 -17.85 -1.22 7.28
CA GLN B 137 -17.14 -2.44 6.91
C GLN B 137 -15.81 -2.48 7.64
N ASP B 138 -15.05 -1.39 7.55
CA ASP B 138 -13.76 -1.31 8.24
C ASP B 138 -13.37 0.12 8.62
N ALA B 139 -12.52 0.22 9.64
CA ALA B 139 -12.02 1.50 10.13
C ALA B 139 -10.50 1.48 10.22
N GLN B 140 -9.90 2.65 10.12
CA GLN B 140 -8.45 2.77 10.11
C GLN B 140 -8.12 4.20 10.48
N SER B 141 -7.61 4.39 11.68
CA SER B 141 -7.54 5.72 12.27
C SER B 141 -6.14 6.11 12.67
N SER B 142 -5.84 7.39 12.53
CA SER B 142 -4.58 7.95 12.96
C SER B 142 -4.89 9.13 13.89
N PHE B 143 -3.85 9.68 14.52
CA PHE B 143 -4.02 10.71 15.53
C PHE B 143 -3.03 11.88 15.36
N VAL B 144 -3.43 13.06 15.86
CA VAL B 144 -2.64 14.29 15.70
C VAL B 144 -1.53 14.44 16.75
N LEU B 145 -0.28 14.35 16.33
CA LEU B 145 0.84 14.59 17.22
C LEU B 145 1.03 16.07 17.49
N LYS B 146 0.88 16.90 16.44
CA LYS B 146 1.12 18.35 16.55
C LYS B 146 0.28 19.13 15.55
N GLU B 147 -0.39 20.17 16.04
CA GLU B 147 -1.23 21.04 15.22
C GLU B 147 -0.41 22.22 14.72
N ILE B 148 0.16 22.10 13.53
CA ILE B 148 1.00 23.15 12.96
C ILE B 148 0.21 24.42 12.66
N LYS B 149 -1.08 24.25 12.32
CA LYS B 149 -1.98 25.37 12.00
C LYS B 149 -3.43 24.89 11.91
N HIS B 150 -4.37 25.70 12.42
CA HIS B 150 -5.80 25.36 12.37
C HIS B 150 -6.65 26.63 12.46
N THR B 151 -7.30 26.96 11.35
CA THR B 151 -8.16 28.15 11.27
C THR B 151 -9.50 27.84 10.59
N THR B 152 -10.53 28.56 11.02
CA THR B 152 -11.87 28.52 10.42
C THR B 152 -11.91 29.40 9.17
N SER B 153 -10.97 30.35 9.10
CA SER B 153 -10.98 31.42 8.12
C SER B 153 -10.74 30.93 6.70
N LEU B 154 -11.71 31.18 5.82
CA LEU B 154 -11.55 30.98 4.38
C LEU B 154 -10.72 32.10 3.74
N PRO B 155 -10.00 31.79 2.65
CA PRO B 155 -9.31 32.81 1.88
C PRO B 155 -10.31 33.50 0.97
N LEU B 156 -10.22 34.81 0.84
CA LEU B 156 -11.19 35.54 0.02
C LEU B 156 -10.57 36.41 -1.06
N ASN B 157 -9.25 36.47 -1.12
CA ASN B 157 -8.52 37.36 -2.02
C ASN B 157 -8.86 37.12 -3.50
N HIS B 158 -9.23 35.89 -3.82
CA HIS B 158 -9.59 35.53 -5.20
C HIS B 158 -10.79 36.31 -5.71
N LEU B 159 -11.55 36.90 -4.80
CA LEU B 159 -12.72 37.66 -5.18
C LEU B 159 -12.36 39.06 -5.65
N LEU B 160 -11.19 39.56 -5.24
CA LEU B 160 -10.81 40.94 -5.52
C LEU B 160 -10.23 41.10 -6.93
N LYS B 161 -11.11 41.24 -7.91
CA LYS B 161 -10.76 41.49 -9.31
C LYS B 161 -9.89 40.40 -9.94
N THR C 7 -22.84 32.03 -29.96
CA THR C 7 -21.60 31.65 -29.22
C THR C 7 -21.85 30.37 -28.41
N LEU C 8 -22.00 29.28 -29.15
CA LEU C 8 -22.19 27.91 -28.62
C LEU C 8 -23.65 27.62 -28.23
N ASP C 9 -24.55 27.85 -29.17
CA ASP C 9 -25.98 27.54 -29.00
C ASP C 9 -26.21 26.08 -29.31
N LYS C 10 -27.47 25.66 -29.29
CA LYS C 10 -27.83 24.25 -29.48
C LYS C 10 -27.30 23.64 -30.80
N THR C 11 -27.34 24.41 -31.89
CA THR C 11 -26.88 23.90 -33.19
C THR C 11 -25.41 23.57 -33.19
N ASP C 12 -24.58 24.51 -32.74
CA ASP C 12 -23.12 24.32 -32.72
C ASP C 12 -22.73 23.00 -32.04
N ILE C 13 -23.53 22.56 -31.07
CA ILE C 13 -23.27 21.31 -30.37
C ILE C 13 -23.60 20.10 -31.25
N LYS C 14 -24.71 20.17 -31.96
CA LYS C 14 -25.08 19.10 -32.89
C LYS C 14 -24.04 18.98 -34.02
N ILE C 15 -23.33 20.07 -34.32
CA ILE C 15 -22.20 20.02 -35.24
C ILE C 15 -21.06 19.20 -34.64
N LEU C 16 -20.67 19.55 -33.41
CA LEU C 16 -19.57 18.89 -32.71
C LEU C 16 -19.83 17.42 -32.43
N GLN C 17 -21.06 17.08 -32.05
CA GLN C 17 -21.42 15.68 -31.79
C GLN C 17 -21.22 14.83 -33.03
N VAL C 18 -21.78 15.30 -34.14
CA VAL C 18 -21.63 14.61 -35.42
C VAL C 18 -20.15 14.53 -35.85
N LEU C 19 -19.41 15.64 -35.77
CA LEU C 19 -18.02 15.68 -36.28
C LEU C 19 -17.01 14.88 -35.45
N GLN C 20 -17.23 14.78 -34.14
CA GLN C 20 -16.36 13.98 -33.29
C GLN C 20 -16.38 12.50 -33.67
N GLU C 21 -17.50 12.06 -34.25
CA GLU C 21 -17.65 10.66 -34.66
C GLU C 21 -17.21 10.49 -36.13
N ASN C 22 -17.66 11.40 -37.00
CA ASN C 22 -17.35 11.37 -38.44
C ASN C 22 -16.49 12.56 -38.87
N GLY C 23 -15.27 12.62 -38.36
CA GLY C 23 -14.37 13.75 -38.62
C GLY C 23 -14.19 14.08 -40.08
N ARG C 24 -14.40 13.10 -40.96
CA ARG C 24 -14.34 13.32 -42.40
C ARG C 24 -15.74 13.39 -43.00
N LEU C 25 -16.63 14.11 -42.34
CA LEU C 25 -17.99 14.21 -42.81
C LEU C 25 -18.09 15.30 -43.86
N THR C 26 -18.74 14.99 -44.98
CA THR C 26 -18.98 15.99 -46.02
C THR C 26 -19.90 17.12 -45.51
N ASN C 27 -19.50 18.37 -45.76
CA ASN C 27 -20.32 19.51 -45.35
C ASN C 27 -21.76 19.31 -45.79
N VAL C 28 -21.94 18.70 -46.96
CA VAL C 28 -23.26 18.40 -47.49
C VAL C 28 -24.02 17.53 -46.48
N GLU C 29 -23.38 16.44 -46.07
CA GLU C 29 -23.94 15.56 -45.09
C GLU C 29 -24.05 16.27 -43.76
N LEU C 30 -22.94 16.75 -43.23
CA LEU C 30 -22.97 17.48 -41.96
C LEU C 30 -24.10 18.50 -41.93
N SER C 31 -24.18 19.33 -42.97
CA SER C 31 -25.19 20.39 -43.07
C SER C 31 -26.60 19.82 -43.03
N GLU C 32 -26.73 18.54 -43.37
CA GLU C 32 -27.99 17.84 -43.23
C GLU C 32 -28.24 17.37 -41.79
N ARG C 33 -27.24 16.73 -41.19
CA ARG C 33 -27.39 16.09 -39.87
C ARG C 33 -27.70 17.08 -38.76
N VAL C 34 -27.52 18.36 -39.05
CA VAL C 34 -27.74 19.41 -38.08
C VAL C 34 -28.99 20.24 -38.41
N ALA C 35 -29.63 19.96 -39.55
CA ALA C 35 -30.72 20.80 -40.07
C ALA C 35 -30.23 22.23 -40.26
N LEU C 36 -29.34 22.40 -41.23
CA LEU C 36 -28.88 23.70 -41.68
C LEU C 36 -28.85 23.66 -43.19
N SER C 37 -28.76 24.82 -43.81
CA SER C 37 -28.41 24.86 -45.22
C SER C 37 -26.90 24.72 -45.25
N PRO C 38 -26.35 24.29 -46.38
CA PRO C 38 -24.91 24.14 -46.54
C PRO C 38 -24.09 25.40 -46.23
N SER C 39 -24.51 26.55 -46.72
CA SER C 39 -23.68 27.75 -46.60
C SER C 39 -23.49 28.23 -45.15
N PRO C 40 -24.60 28.36 -44.38
CA PRO C 40 -24.46 28.69 -42.96
C PRO C 40 -23.88 27.57 -42.08
N CYS C 41 -23.99 26.33 -42.52
CA CYS C 41 -23.36 25.20 -41.81
C CYS C 41 -21.83 25.33 -41.86
N LEU C 42 -21.30 25.60 -43.05
CA LEU C 42 -19.87 25.83 -43.25
C LEU C 42 -19.38 27.07 -42.50
N ARG C 43 -20.29 28.00 -42.21
CA ARG C 43 -19.99 29.20 -41.47
C ARG C 43 -19.73 28.88 -39.99
N ARG C 44 -20.58 28.05 -39.41
CA ARG C 44 -20.51 27.70 -37.98
C ARG C 44 -19.32 26.82 -37.60
N LEU C 45 -19.12 25.73 -38.34
CA LEU C 45 -17.97 24.86 -38.14
C LEU C 45 -16.70 25.72 -38.19
N LYS C 46 -16.54 26.50 -39.26
CA LYS C 46 -15.37 27.35 -39.42
C LYS C 46 -15.06 28.06 -38.11
N GLN C 47 -16.02 28.84 -37.64
CA GLN C 47 -15.81 29.67 -36.44
C GLN C 47 -15.47 28.77 -35.24
N LEU C 48 -16.14 27.61 -35.20
CA LEU C 48 -15.89 26.62 -34.15
C LEU C 48 -14.43 26.16 -34.14
N GLU C 49 -13.78 26.09 -35.32
CA GLU C 49 -12.37 25.70 -35.36
C GLU C 49 -11.41 26.89 -35.36
N ASP C 50 -11.90 28.06 -35.76
CA ASP C 50 -11.09 29.27 -35.72
C ASP C 50 -10.91 29.72 -34.29
N ALA C 51 -11.85 29.33 -33.42
CA ALA C 51 -11.74 29.59 -31.99
C ALA C 51 -10.72 28.65 -31.37
N GLY C 52 -11.02 27.35 -31.43
CA GLY C 52 -10.23 26.35 -30.71
C GLY C 52 -11.05 25.16 -30.24
N ILE C 53 -12.38 25.31 -30.20
CA ILE C 53 -13.27 24.19 -29.90
C ILE C 53 -12.78 22.92 -30.58
N VAL C 54 -12.63 22.98 -31.90
CA VAL C 54 -12.12 21.84 -32.67
C VAL C 54 -10.62 21.98 -32.81
N ARG C 55 -9.89 21.30 -31.92
CA ARG C 55 -8.42 21.46 -31.83
C ARG C 55 -7.64 20.67 -32.89
N GLN C 56 -8.27 19.65 -33.48
CA GLN C 56 -7.62 18.81 -34.49
C GLN C 56 -8.63 17.83 -35.12
N TYR C 57 -8.42 17.52 -36.40
CA TYR C 57 -9.10 16.42 -37.07
C TYR C 57 -8.03 15.34 -37.31
N ALA C 58 -8.26 14.11 -36.83
CA ALA C 58 -7.25 13.04 -36.92
C ALA C 58 -7.82 11.67 -37.31
N ALA C 59 -6.98 10.86 -37.96
CA ALA C 59 -7.31 9.49 -38.33
C ALA C 59 -6.86 8.62 -37.18
N LEU C 60 -7.78 7.81 -36.67
CA LEU C 60 -7.46 6.91 -35.58
C LEU C 60 -7.19 5.53 -36.13
N LEU C 61 -6.02 4.99 -35.85
CA LEU C 61 -5.65 3.67 -36.36
C LEU C 61 -5.96 2.58 -35.34
N SER C 62 -5.96 1.33 -35.83
CA SER C 62 -6.15 0.15 -34.99
C SER C 62 -4.81 -0.48 -34.64
N PRO C 63 -4.36 -0.33 -33.37
CA PRO C 63 -3.05 -0.79 -32.92
C PRO C 63 -2.67 -2.18 -33.40
N GLU C 64 -3.54 -3.15 -33.15
CA GLU C 64 -3.31 -4.53 -33.57
C GLU C 64 -2.97 -4.56 -35.06
N SER C 65 -3.69 -3.78 -35.86
CA SER C 65 -3.46 -3.75 -37.30
C SER C 65 -2.05 -3.28 -37.62
N VAL C 66 -1.51 -2.38 -36.81
CA VAL C 66 -0.17 -1.86 -37.03
C VAL C 66 0.89 -2.56 -36.18
N ASN C 67 0.55 -3.75 -35.68
CA ASN C 67 1.46 -4.64 -34.94
C ASN C 67 1.81 -4.22 -33.50
N LEU C 68 1.08 -3.24 -32.99
CA LEU C 68 1.22 -2.81 -31.60
C LEU C 68 0.19 -3.55 -30.72
N GLY C 69 0.60 -4.69 -30.19
CA GLY C 69 -0.28 -5.50 -29.37
C GLY C 69 -0.29 -5.09 -27.91
N LEU C 70 0.80 -4.49 -27.45
CA LEU C 70 0.96 -4.19 -26.04
C LEU C 70 0.66 -2.72 -25.73
N GLN C 71 -0.53 -2.48 -25.20
CA GLN C 71 -0.89 -1.17 -24.66
C GLN C 71 -0.55 -1.20 -23.18
N ALA C 72 -0.09 -0.07 -22.63
CA ALA C 72 0.50 -0.07 -21.30
C ALA C 72 0.46 1.29 -20.57
N PHE C 73 0.16 1.23 -19.27
CA PHE C 73 0.06 2.41 -18.43
C PHE C 73 1.20 2.43 -17.40
N ILE C 74 2.17 3.31 -17.61
CA ILE C 74 3.35 3.44 -16.73
C ILE C 74 3.15 4.54 -15.68
N ARG C 75 3.16 4.17 -14.41
CA ARG C 75 3.03 5.16 -13.33
C ARG C 75 4.44 5.62 -12.95
N VAL C 76 4.82 6.78 -13.46
CA VAL C 76 6.17 7.32 -13.28
C VAL C 76 6.24 8.07 -11.95
N SER C 77 7.47 8.31 -11.48
CA SER C 77 7.72 9.16 -10.30
C SER C 77 8.96 9.99 -10.58
N ILE C 78 8.81 11.31 -10.55
CA ILE C 78 9.90 12.19 -10.91
C ILE C 78 10.77 12.51 -9.69
N ARG C 79 12.06 12.60 -9.93
CA ARG C 79 13.00 12.98 -8.89
C ARG C 79 12.77 14.44 -8.57
N LYS C 80 12.73 14.77 -7.28
CA LYS C 80 12.62 16.15 -6.85
C LYS C 80 13.99 16.82 -6.96
N ALA C 81 14.38 17.13 -8.19
CA ALA C 81 15.61 17.85 -8.46
C ALA C 81 15.21 19.27 -8.87
N LYS C 82 16.19 20.06 -9.35
CA LYS C 82 15.94 21.46 -9.70
C LYS C 82 14.78 21.58 -10.68
N ASP C 83 14.89 20.94 -11.84
CA ASP C 83 13.79 20.94 -12.79
C ASP C 83 13.82 19.68 -13.65
N ALA C 84 13.84 18.53 -12.96
CA ALA C 84 13.63 17.24 -13.59
C ALA C 84 12.28 17.23 -14.28
N ARG C 85 11.33 17.93 -13.66
CA ARG C 85 9.96 18.09 -14.15
C ARG C 85 9.90 18.64 -15.58
N GLU C 86 10.83 19.52 -15.90
CA GLU C 86 10.91 20.15 -17.21
C GLU C 86 11.59 19.26 -18.24
N ASP C 87 12.75 18.72 -17.87
CA ASP C 87 13.54 17.87 -18.78
C ASP C 87 12.73 16.64 -19.17
N PHE C 88 12.17 15.96 -18.16
CA PHE C 88 11.36 14.78 -18.36
C PHE C 88 10.19 15.05 -19.29
N ALA C 89 9.47 16.13 -19.03
CA ALA C 89 8.34 16.51 -19.88
C ALA C 89 8.79 16.65 -21.33
N ALA C 90 9.88 17.39 -21.54
CA ALA C 90 10.45 17.64 -22.88
C ALA C 90 10.90 16.35 -23.54
N SER C 91 11.47 15.43 -22.77
CA SER C 91 11.82 14.10 -23.25
C SER C 91 10.58 13.30 -23.65
N VAL C 92 9.57 13.26 -22.79
CA VAL C 92 8.38 12.43 -23.04
C VAL C 92 7.65 12.83 -24.34
N ARG C 93 7.76 14.11 -24.71
CA ARG C 93 7.17 14.56 -25.97
C ARG C 93 7.96 14.06 -27.19
N LYS C 94 9.22 13.71 -26.97
CA LYS C 94 10.08 13.21 -28.04
C LYS C 94 9.96 11.70 -28.25
N TRP C 95 9.37 11.01 -27.29
CA TRP C 95 9.17 9.57 -27.39
C TRP C 95 7.81 9.29 -28.04
N PRO C 96 7.80 8.83 -29.31
CA PRO C 96 6.54 8.59 -30.03
C PRO C 96 5.78 7.37 -29.51
N GLU C 97 6.49 6.44 -28.89
CA GLU C 97 5.85 5.28 -28.27
C GLU C 97 4.91 5.67 -27.14
N VAL C 98 5.10 6.86 -26.58
CA VAL C 98 4.24 7.38 -25.51
C VAL C 98 3.27 8.43 -26.03
N LEU C 99 2.00 8.03 -26.21
CA LEU C 99 0.98 8.90 -26.78
C LEU C 99 0.54 10.00 -25.84
N SER C 100 0.33 9.67 -24.56
CA SER C 100 -0.13 10.66 -23.59
C SER C 100 0.66 10.61 -22.28
N CYS C 101 0.75 11.75 -21.60
CA CYS C 101 1.32 11.81 -20.26
C CYS C 101 0.63 12.84 -19.38
N PHE C 102 0.20 12.41 -18.19
CA PHE C 102 -0.56 13.24 -17.26
C PHE C 102 0.01 13.29 -15.85
N ALA C 103 0.14 14.50 -15.31
CA ALA C 103 0.48 14.69 -13.91
C ALA C 103 -0.82 14.55 -13.11
N LEU C 104 -0.94 13.43 -12.40
CA LEU C 104 -2.17 13.11 -11.66
C LEU C 104 -2.00 13.31 -10.19
N THR C 105 -3.13 13.36 -9.52
CA THR C 105 -3.17 13.39 -8.07
C THR C 105 -2.99 11.96 -7.56
N GLY C 106 -2.75 11.80 -6.26
CA GLY C 106 -2.55 10.48 -5.65
C GLY C 106 -1.09 10.08 -5.54
N GLU C 107 -0.85 8.79 -5.29
CA GLU C 107 0.51 8.27 -5.11
C GLU C 107 1.34 8.50 -6.37
N THR C 108 0.67 8.45 -7.50
CA THR C 108 1.32 8.58 -8.80
C THR C 108 1.60 10.04 -9.13
N ASP C 109 2.86 10.35 -9.42
CA ASP C 109 3.23 11.71 -9.85
C ASP C 109 2.84 11.95 -11.30
N TYR C 110 3.25 11.05 -12.19
CA TYR C 110 2.89 11.11 -13.61
C TYR C 110 2.33 9.77 -14.07
N LEU C 111 1.46 9.81 -15.09
CA LEU C 111 0.96 8.59 -15.71
C LEU C 111 1.18 8.68 -17.20
N LEU C 112 1.73 7.61 -17.78
CA LEU C 112 2.00 7.50 -19.22
C LEU C 112 1.19 6.38 -19.83
N GLN C 113 0.63 6.65 -21.01
CA GLN C 113 -0.05 5.66 -21.82
C GLN C 113 0.75 5.48 -23.11
N ALA C 114 1.24 4.26 -23.34
CA ALA C 114 2.17 3.97 -24.43
C ALA C 114 1.91 2.62 -25.09
N PHE C 115 2.31 2.50 -26.35
CA PHE C 115 2.06 1.30 -27.13
C PHE C 115 3.36 0.69 -27.62
N PHE C 116 3.37 -0.64 -27.71
CA PHE C 116 4.54 -1.38 -28.14
C PHE C 116 4.16 -2.60 -28.95
N THR C 117 5.16 -3.18 -29.59
CA THR C 117 4.98 -4.40 -30.38
C THR C 117 4.76 -5.61 -29.48
N ASP C 118 5.72 -5.85 -28.60
CA ASP C 118 5.71 -6.99 -27.70
C ASP C 118 6.40 -6.65 -26.37
N ASN C 120 9.16 -7.53 -25.15
CA ASN C 120 10.58 -7.21 -25.30
C ASN C 120 10.79 -5.75 -25.71
N ALA C 121 10.06 -5.29 -26.71
CA ALA C 121 10.08 -3.88 -27.06
C ALA C 121 9.90 -3.06 -25.79
N PHE C 122 8.85 -3.35 -25.03
CA PHE C 122 8.59 -2.64 -23.79
C PHE C 122 9.84 -2.59 -22.91
N SER C 123 10.38 -3.78 -22.63
CA SER C 123 11.52 -3.92 -21.74
C SER C 123 12.65 -3.02 -22.19
N HIS C 124 12.92 -3.02 -23.49
CA HIS C 124 13.97 -2.18 -24.06
C HIS C 124 13.73 -0.71 -23.75
N PHE C 125 12.49 -0.26 -23.92
CA PHE C 125 12.14 1.12 -23.63
C PHE C 125 12.33 1.44 -22.15
N VAL C 126 11.68 0.68 -21.28
CA VAL C 126 11.74 1.00 -19.85
C VAL C 126 13.20 1.08 -19.42
N LEU C 127 13.94 0.03 -19.68
CA LEU C 127 15.27 -0.14 -19.12
C LEU C 127 16.36 0.72 -19.75
N ASP C 128 16.18 1.12 -21.01
CA ASP C 128 17.21 1.88 -21.73
C ASP C 128 16.83 3.32 -22.04
N THR C 129 15.57 3.70 -21.82
CA THR C 129 15.11 5.05 -22.13
C THR C 129 14.40 5.71 -20.95
N LEU C 130 13.39 5.02 -20.42
CA LEU C 130 12.59 5.53 -19.29
C LEU C 130 13.46 5.72 -18.05
N LEU C 131 14.00 4.63 -17.52
CA LEU C 131 14.74 4.65 -16.27
C LEU C 131 16.11 5.33 -16.43
N SER C 132 16.64 5.34 -17.66
CA SER C 132 17.96 5.94 -17.93
C SER C 132 17.94 7.48 -17.91
N HIS C 133 16.76 8.05 -18.15
CA HIS C 133 16.57 9.49 -18.00
C HIS C 133 16.88 9.88 -16.56
N HIS C 134 17.67 10.93 -16.37
CA HIS C 134 18.13 11.33 -15.03
C HIS C 134 17.00 11.71 -14.06
N GLY C 135 15.91 12.26 -14.60
CA GLY C 135 14.76 12.69 -13.79
C GLY C 135 13.92 11.56 -13.21
N VAL C 136 13.86 10.43 -13.92
CA VAL C 136 13.02 9.30 -13.49
C VAL C 136 13.57 8.62 -12.25
N GLN C 137 12.80 8.65 -11.17
CA GLN C 137 13.19 8.05 -9.89
C GLN C 137 12.65 6.64 -9.72
N ASP C 138 11.45 6.38 -10.24
CA ASP C 138 10.89 5.03 -10.28
C ASP C 138 9.71 4.93 -11.26
N ALA C 139 9.50 3.73 -11.81
CA ALA C 139 8.40 3.47 -12.71
C ALA C 139 7.74 2.15 -12.36
N GLN C 140 6.41 2.13 -12.35
CA GLN C 140 5.64 0.89 -12.19
C GLN C 140 4.58 0.85 -13.28
N SER C 141 4.53 -0.23 -14.04
CA SER C 141 3.70 -0.29 -15.25
C SER C 141 2.72 -1.47 -15.28
N SER C 142 1.48 -1.18 -15.66
CA SER C 142 0.42 -2.20 -15.82
C SER C 142 0.00 -2.24 -17.26
N PHE C 143 -0.67 -3.32 -17.66
CA PHE C 143 -0.88 -3.61 -19.08
C PHE C 143 -2.33 -3.96 -19.40
N VAL C 144 -2.76 -3.59 -20.61
CA VAL C 144 -4.15 -3.72 -21.05
C VAL C 144 -4.57 -5.15 -21.46
N LEU C 145 -5.19 -5.86 -20.51
CA LEU C 145 -5.73 -7.19 -20.75
C LEU C 145 -6.88 -7.16 -21.76
N LYS C 146 -7.77 -6.17 -21.66
CA LYS C 146 -8.94 -6.08 -22.54
C LYS C 146 -9.51 -4.67 -22.61
N GLU C 147 -9.93 -4.26 -23.80
CA GLU C 147 -10.42 -2.91 -24.03
C GLU C 147 -11.95 -2.88 -24.03
N ILE C 148 -12.54 -2.62 -22.87
CA ILE C 148 -14.00 -2.53 -22.78
C ILE C 148 -14.55 -1.34 -23.56
N LYS C 149 -13.85 -0.21 -23.56
CA LYS C 149 -14.36 0.97 -24.24
C LYS C 149 -13.25 1.99 -24.51
N HIS C 150 -13.27 2.60 -25.69
CA HIS C 150 -12.35 3.68 -26.01
C HIS C 150 -12.90 4.55 -27.11
N THR C 151 -13.25 5.79 -26.75
CA THR C 151 -13.72 6.79 -27.70
C THR C 151 -13.00 8.12 -27.49
N THR C 152 -12.75 8.84 -28.58
CA THR C 152 -12.17 10.18 -28.48
C THR C 152 -13.23 11.27 -28.25
N SER C 153 -14.51 10.91 -28.32
CA SER C 153 -15.61 11.87 -28.22
C SER C 153 -15.99 12.21 -26.77
N LEU C 154 -15.97 13.51 -26.46
CA LEU C 154 -16.34 14.03 -25.14
C LEU C 154 -17.86 14.11 -25.04
N PRO C 155 -18.41 14.12 -23.81
CA PRO C 155 -19.85 14.34 -23.62
C PRO C 155 -20.17 15.82 -23.75
N LEU C 156 -21.32 16.15 -24.31
CA LEU C 156 -21.67 17.56 -24.50
C LEU C 156 -23.10 17.92 -24.04
N ASN C 157 -23.83 16.94 -23.53
CA ASN C 157 -25.20 17.18 -23.05
C ASN C 157 -25.25 18.28 -22.00
N HIS C 158 -24.15 18.46 -21.28
CA HIS C 158 -24.07 19.48 -20.23
C HIS C 158 -24.14 20.91 -20.76
N LEU C 159 -24.06 21.08 -22.07
CA LEU C 159 -24.15 22.41 -22.67
C LEU C 159 -25.57 22.74 -23.18
N LEU C 160 -26.50 21.82 -22.97
CA LEU C 160 -27.87 21.98 -23.44
C LEU C 160 -28.81 22.28 -22.25
N GLN D 5 -0.55 -9.26 -39.48
CA GLN D 5 0.81 -9.33 -40.07
C GLN D 5 0.98 -8.22 -41.10
N LEU D 6 1.97 -7.36 -40.89
CA LEU D 6 2.28 -6.32 -41.86
C LEU D 6 3.78 -6.06 -41.98
N THR D 7 4.14 -5.41 -43.08
CA THR D 7 5.48 -4.92 -43.32
C THR D 7 5.39 -3.90 -44.46
N LEU D 8 4.63 -2.84 -44.18
CA LEU D 8 4.31 -1.77 -45.15
C LEU D 8 5.51 -1.06 -45.73
N ASP D 9 5.35 -0.59 -46.97
CA ASP D 9 6.43 0.09 -47.70
C ASP D 9 6.69 1.48 -47.11
N LYS D 10 7.92 1.96 -47.31
CA LYS D 10 8.47 3.14 -46.63
C LYS D 10 7.62 4.42 -46.72
N THR D 11 6.70 4.48 -47.70
CA THR D 11 5.77 5.62 -47.80
C THR D 11 4.35 5.25 -47.34
N ASP D 12 3.98 3.97 -47.45
CA ASP D 12 2.67 3.53 -46.96
C ASP D 12 2.57 3.83 -45.46
N ILE D 13 3.72 3.79 -44.81
CA ILE D 13 3.87 4.28 -43.46
C ILE D 13 3.50 5.77 -43.44
N LYS D 14 4.19 6.53 -44.27
CA LYS D 14 4.04 7.98 -44.31
C LYS D 14 2.57 8.41 -44.39
N ILE D 15 1.84 7.89 -45.37
CA ILE D 15 0.41 8.19 -45.51
C ILE D 15 -0.30 8.14 -44.15
N LEU D 16 -0.08 7.06 -43.40
CA LEU D 16 -0.72 6.88 -42.09
C LEU D 16 -0.13 7.82 -41.03
N GLN D 17 1.12 8.23 -41.21
CA GLN D 17 1.72 9.24 -40.33
C GLN D 17 1.05 10.60 -40.54
N VAL D 18 0.95 11.01 -41.79
CA VAL D 18 0.37 12.30 -42.15
C VAL D 18 -1.11 12.35 -41.78
N LEU D 19 -1.83 11.28 -42.10
CA LEU D 19 -3.29 11.23 -41.91
C LEU D 19 -3.70 11.17 -40.43
N GLN D 20 -2.86 10.57 -39.58
CA GLN D 20 -3.09 10.61 -38.13
C GLN D 20 -2.97 12.01 -37.56
N GLU D 21 -2.32 12.90 -38.30
CA GLU D 21 -2.07 14.28 -37.86
C GLU D 21 -3.00 15.29 -38.51
N ASN D 22 -3.28 15.11 -39.79
CA ASN D 22 -4.24 15.94 -40.50
C ASN D 22 -5.27 15.03 -41.19
N GLY D 23 -6.22 14.53 -40.40
CA GLY D 23 -7.17 13.52 -40.87
C GLY D 23 -8.33 13.96 -41.76
N ARG D 24 -8.50 15.26 -41.93
CA ARG D 24 -9.55 15.77 -42.81
C ARG D 24 -8.98 16.19 -44.18
N LEU D 25 -7.68 15.97 -44.38
CA LEU D 25 -6.95 16.36 -45.61
C LEU D 25 -7.67 15.95 -46.91
N THR D 26 -7.45 16.73 -47.96
CA THR D 26 -7.96 16.40 -49.30
C THR D 26 -6.87 15.62 -50.03
N ASN D 27 -7.24 14.55 -50.71
CA ASN D 27 -6.26 13.67 -51.35
C ASN D 27 -5.15 14.47 -52.04
N VAL D 28 -5.51 15.62 -52.63
CA VAL D 28 -4.53 16.53 -53.24
C VAL D 28 -3.49 17.00 -52.23
N GLU D 29 -3.94 17.42 -51.05
CA GLU D 29 -3.05 17.88 -49.99
C GLU D 29 -2.18 16.74 -49.46
N LEU D 30 -2.79 15.57 -49.29
CA LEU D 30 -2.08 14.36 -48.87
C LEU D 30 -0.90 14.03 -49.80
N SER D 31 -1.15 14.17 -51.11
CA SER D 31 -0.16 13.89 -52.15
C SER D 31 1.08 14.77 -52.05
N GLU D 32 0.88 16.05 -51.75
CA GLU D 32 1.98 17.03 -51.69
C GLU D 32 2.82 16.92 -50.41
N ARG D 33 2.45 15.99 -49.54
CA ARG D 33 3.16 15.75 -48.28
C ARG D 33 3.96 14.43 -48.31
N VAL D 34 3.47 13.46 -49.08
CA VAL D 34 4.13 12.16 -49.26
C VAL D 34 4.85 12.03 -50.60
N ALA D 35 4.76 13.07 -51.44
CA ALA D 35 5.47 13.15 -52.73
C ALA D 35 5.10 12.01 -53.68
N LEU D 36 3.80 11.83 -53.89
CA LEU D 36 3.28 10.86 -54.85
C LEU D 36 2.59 11.59 -55.99
N SER D 37 2.12 10.82 -56.97
CA SER D 37 1.20 11.37 -57.95
C SER D 37 -0.16 11.47 -57.24
N PRO D 38 -0.95 12.51 -57.53
CA PRO D 38 -2.28 12.64 -56.90
C PRO D 38 -3.23 11.44 -57.04
N SER D 39 -2.94 10.49 -57.93
CA SER D 39 -3.76 9.28 -58.09
C SER D 39 -3.35 8.09 -57.19
N PRO D 40 -2.04 7.74 -57.15
CA PRO D 40 -1.51 6.73 -56.22
C PRO D 40 -1.75 6.99 -54.71
N CYS D 41 -2.13 8.20 -54.34
CA CYS D 41 -2.49 8.50 -52.94
C CYS D 41 -3.85 7.95 -52.52
N LEU D 42 -4.75 7.73 -53.49
CA LEU D 42 -6.03 7.04 -53.24
C LEU D 42 -5.92 5.55 -53.52
N ARG D 43 -4.75 5.12 -54.02
CA ARG D 43 -4.43 3.71 -54.18
C ARG D 43 -3.91 3.19 -52.84
N ARG D 44 -2.80 3.78 -52.39
CA ARG D 44 -2.19 3.44 -51.11
C ARG D 44 -3.23 3.55 -49.99
N LEU D 45 -4.00 4.63 -50.01
CA LEU D 45 -5.02 4.92 -48.98
C LEU D 45 -6.23 3.98 -49.10
N LYS D 46 -6.77 3.84 -50.31
CA LYS D 46 -7.82 2.86 -50.57
C LYS D 46 -7.52 1.61 -49.78
N GLN D 47 -6.38 1.01 -50.10
CA GLN D 47 -5.95 -0.25 -49.51
C GLN D 47 -5.99 -0.24 -47.97
N LEU D 48 -5.35 0.77 -47.38
CA LEU D 48 -5.20 0.86 -45.93
C LEU D 48 -6.57 0.87 -45.26
N GLU D 49 -7.38 1.86 -45.61
CA GLU D 49 -8.75 1.95 -45.12
C GLU D 49 -9.49 0.64 -45.34
N ASP D 50 -9.26 0.06 -46.52
CA ASP D 50 -9.91 -1.17 -46.93
C ASP D 50 -9.22 -2.38 -46.28
N ALA D 51 -8.94 -2.29 -44.99
CA ALA D 51 -8.32 -3.40 -44.26
C ALA D 51 -8.84 -3.47 -42.82
N GLY D 52 -8.69 -2.36 -42.10
CA GLY D 52 -8.92 -2.31 -40.65
C GLY D 52 -7.93 -1.36 -39.99
N ILE D 53 -6.85 -1.04 -40.70
CA ILE D 53 -5.83 -0.10 -40.24
C ILE D 53 -6.47 1.19 -39.73
N VAL D 54 -7.09 1.96 -40.62
CA VAL D 54 -7.80 3.16 -40.20
C VAL D 54 -9.20 2.78 -39.74
N ARG D 55 -9.39 2.80 -38.42
CA ARG D 55 -10.68 2.44 -37.83
C ARG D 55 -11.70 3.57 -37.95
N GLN D 56 -11.25 4.83 -37.82
CA GLN D 56 -12.14 5.98 -37.98
C GLN D 56 -11.41 7.33 -38.09
N TYR D 57 -12.13 8.29 -38.66
CA TYR D 57 -11.69 9.66 -38.78
C TYR D 57 -12.56 10.49 -37.85
N ALA D 58 -11.94 11.11 -36.84
CA ALA D 58 -12.69 11.89 -35.84
C ALA D 58 -12.14 13.32 -35.61
N ALA D 59 -13.05 14.22 -35.24
CA ALA D 59 -12.71 15.59 -34.88
C ALA D 59 -12.39 15.60 -33.40
N LEU D 60 -11.21 16.10 -33.04
CA LEU D 60 -10.78 16.12 -31.65
C LEU D 60 -11.02 17.49 -31.06
N LEU D 61 -11.87 17.55 -30.04
CA LEU D 61 -12.23 18.83 -29.41
C LEU D 61 -11.40 19.13 -28.15
N SER D 62 -11.44 20.39 -27.72
CA SER D 62 -10.63 20.89 -26.60
C SER D 62 -11.46 20.91 -25.31
N PRO D 63 -11.08 20.08 -24.32
CA PRO D 63 -11.93 19.79 -23.14
C PRO D 63 -12.37 21.00 -22.33
N GLU D 64 -11.44 21.91 -22.07
CA GLU D 64 -11.74 23.16 -21.40
C GLU D 64 -12.68 24.02 -22.25
N SER D 65 -12.52 23.93 -23.58
CA SER D 65 -13.37 24.69 -24.51
C SER D 65 -14.84 24.40 -24.33
N VAL D 66 -15.18 23.15 -24.02
CA VAL D 66 -16.58 22.74 -23.85
C VAL D 66 -16.99 22.67 -22.37
N ASN D 67 -16.17 23.30 -21.52
CA ASN D 67 -16.36 23.43 -20.06
C ASN D 67 -15.92 22.21 -19.24
N LEU D 68 -15.36 21.21 -19.90
CA LEU D 68 -14.99 20.00 -19.18
C LEU D 68 -13.63 20.19 -18.53
N GLY D 69 -13.60 20.97 -17.46
CA GLY D 69 -12.37 21.30 -16.78
C GLY D 69 -11.74 20.17 -16.01
N LEU D 70 -12.53 19.14 -15.69
CA LEU D 70 -12.10 18.07 -14.77
C LEU D 70 -11.95 16.73 -15.47
N GLN D 71 -10.72 16.37 -15.80
CA GLN D 71 -10.40 15.08 -16.38
C GLN D 71 -9.96 14.12 -15.29
N ALA D 72 -10.64 12.98 -15.18
CA ALA D 72 -10.43 12.05 -14.07
C ALA D 72 -10.08 10.64 -14.56
N PHE D 73 -9.21 9.97 -13.81
CA PHE D 73 -8.94 8.56 -14.04
C PHE D 73 -9.46 7.77 -12.83
N ILE D 74 -10.33 6.79 -13.07
CA ILE D 74 -10.93 6.02 -11.98
C ILE D 74 -10.51 4.56 -12.02
N ARG D 75 -9.95 4.10 -10.90
CA ARG D 75 -9.58 2.70 -10.72
C ARG D 75 -10.75 1.98 -10.05
N VAL D 76 -11.50 1.23 -10.86
CA VAL D 76 -12.67 0.48 -10.41
C VAL D 76 -12.32 -0.98 -10.18
N SER D 77 -13.06 -1.64 -9.29
CA SER D 77 -12.90 -3.06 -9.01
C SER D 77 -14.25 -3.76 -9.14
N ILE D 78 -14.31 -4.76 -10.00
CA ILE D 78 -15.54 -5.49 -10.22
C ILE D 78 -15.80 -6.42 -9.05
N ARG D 79 -17.07 -6.74 -8.84
CA ARG D 79 -17.43 -7.84 -7.95
C ARG D 79 -17.07 -9.14 -8.64
N LYS D 80 -16.52 -10.07 -7.86
CA LYS D 80 -16.26 -11.41 -8.37
C LYS D 80 -17.53 -12.23 -8.21
N ALA D 81 -18.64 -11.63 -8.64
CA ALA D 81 -19.95 -12.25 -8.59
C ALA D 81 -20.22 -12.87 -9.96
N LYS D 82 -21.31 -12.47 -10.60
CA LYS D 82 -21.82 -13.19 -11.76
C LYS D 82 -22.17 -12.20 -12.87
N ASP D 83 -21.55 -12.38 -14.04
CA ASP D 83 -21.75 -11.45 -15.16
C ASP D 83 -21.47 -10.01 -14.77
N ALA D 84 -20.80 -9.79 -13.64
CA ALA D 84 -20.52 -8.45 -13.17
C ALA D 84 -19.68 -7.76 -14.23
N ARG D 85 -18.77 -8.51 -14.84
CA ARG D 85 -17.88 -8.00 -15.88
C ARG D 85 -18.61 -7.68 -17.18
N GLU D 86 -19.78 -8.29 -17.35
CA GLU D 86 -20.58 -8.09 -18.56
C GLU D 86 -21.45 -6.85 -18.36
N ASP D 87 -22.26 -6.88 -17.31
CA ASP D 87 -23.20 -5.81 -17.03
C ASP D 87 -22.48 -4.49 -16.94
N PHE D 88 -21.35 -4.51 -16.25
CA PHE D 88 -20.51 -3.33 -16.07
C PHE D 88 -20.03 -2.82 -17.43
N ALA D 89 -19.39 -3.72 -18.16
CA ALA D 89 -18.92 -3.42 -19.51
C ALA D 89 -20.02 -2.69 -20.27
N ALA D 90 -21.17 -3.33 -20.42
CA ALA D 90 -22.29 -2.75 -21.17
C ALA D 90 -22.74 -1.40 -20.61
N SER D 91 -22.63 -1.22 -19.30
CA SER D 91 -23.05 0.02 -18.67
C SER D 91 -22.05 1.14 -18.93
N VAL D 92 -20.76 0.86 -18.83
CA VAL D 92 -19.72 1.86 -19.08
C VAL D 92 -19.80 2.36 -20.53
N ARG D 93 -20.22 1.48 -21.43
CA ARG D 93 -20.44 1.83 -22.82
C ARG D 93 -21.55 2.86 -23.00
N LYS D 94 -22.51 2.86 -22.09
CA LYS D 94 -23.63 3.77 -22.13
C LYS D 94 -23.36 5.13 -21.45
N TRP D 95 -22.31 5.21 -20.63
CA TRP D 95 -21.99 6.47 -19.95
C TRP D 95 -21.06 7.35 -20.80
N PRO D 96 -21.59 8.46 -21.33
CA PRO D 96 -20.86 9.32 -22.26
C PRO D 96 -19.71 10.07 -21.62
N GLU D 97 -19.84 10.32 -20.32
CA GLU D 97 -18.78 10.96 -19.56
C GLU D 97 -17.54 10.08 -19.45
N VAL D 98 -17.71 8.78 -19.65
CA VAL D 98 -16.60 7.82 -19.63
C VAL D 98 -16.08 7.57 -21.05
N LEU D 99 -14.95 8.16 -21.40
CA LEU D 99 -14.37 7.96 -22.75
C LEU D 99 -13.78 6.56 -22.91
N SER D 100 -12.83 6.21 -22.03
CA SER D 100 -12.11 4.93 -22.12
C SER D 100 -12.42 4.01 -20.93
N CYS D 101 -12.28 2.71 -21.17
CA CYS D 101 -12.35 1.70 -20.11
C CYS D 101 -11.47 0.51 -20.47
N PHE D 102 -10.46 0.26 -19.63
CA PHE D 102 -9.50 -0.79 -19.88
C PHE D 102 -9.43 -1.72 -18.69
N ALA D 103 -9.44 -3.02 -18.96
CA ALA D 103 -9.14 -4.03 -17.94
C ALA D 103 -7.62 -4.17 -17.87
N LEU D 104 -7.04 -3.65 -16.79
CA LEU D 104 -5.60 -3.64 -16.62
C LEU D 104 -5.15 -4.79 -15.76
N THR D 105 -3.85 -5.03 -15.78
CA THR D 105 -3.23 -5.94 -14.85
C THR D 105 -2.97 -5.12 -13.58
N GLY D 106 -2.51 -5.78 -12.53
CA GLY D 106 -2.17 -5.08 -11.29
C GLY D 106 -3.29 -5.07 -10.26
N GLU D 107 -3.12 -4.26 -9.21
CA GLU D 107 -4.13 -4.19 -8.16
C GLU D 107 -5.46 -3.66 -8.65
N THR D 108 -5.43 -2.86 -9.71
CA THR D 108 -6.65 -2.33 -10.32
C THR D 108 -7.24 -3.36 -11.30
N ASP D 109 -8.55 -3.60 -11.20
CA ASP D 109 -9.24 -4.48 -12.13
C ASP D 109 -9.61 -3.73 -13.42
N TYR D 110 -10.14 -2.51 -13.27
CA TYR D 110 -10.54 -1.68 -14.39
C TYR D 110 -10.08 -0.24 -14.23
N LEU D 111 -9.68 0.37 -15.33
CA LEU D 111 -9.27 1.76 -15.31
C LEU D 111 -10.18 2.53 -16.24
N LEU D 112 -10.73 3.65 -15.77
CA LEU D 112 -11.64 4.48 -16.56
C LEU D 112 -11.10 5.88 -16.72
N GLN D 113 -11.10 6.39 -17.95
CA GLN D 113 -10.83 7.79 -18.20
C GLN D 113 -12.19 8.46 -18.37
N ALA D 114 -12.39 9.59 -17.70
CA ALA D 114 -13.65 10.32 -17.79
C ALA D 114 -13.42 11.82 -17.79
N PHE D 115 -14.45 12.55 -18.20
CA PHE D 115 -14.44 14.02 -18.15
C PHE D 115 -15.70 14.55 -17.48
N PHE D 116 -15.54 15.63 -16.71
CA PHE D 116 -16.66 16.29 -16.04
C PHE D 116 -16.46 17.81 -16.04
N THR D 117 -17.56 18.53 -15.77
CA THR D 117 -17.51 19.98 -15.73
C THR D 117 -16.61 20.46 -14.59
N ASP D 118 -16.96 20.06 -13.37
CA ASP D 118 -16.22 20.43 -12.16
C ASP D 118 -16.33 19.30 -11.15
N ASN D 120 -18.05 18.86 -8.56
CA ASN D 120 -19.42 18.49 -8.21
C ASN D 120 -19.95 17.48 -9.20
N ALA D 121 -19.93 17.83 -10.48
CA ALA D 121 -20.35 16.91 -11.52
C ALA D 121 -19.87 15.50 -11.22
N PHE D 122 -18.58 15.39 -10.90
CA PHE D 122 -17.95 14.11 -10.62
C PHE D 122 -18.57 13.39 -9.42
N SER D 123 -18.87 14.16 -8.39
CA SER D 123 -19.42 13.62 -7.18
C SER D 123 -20.76 12.95 -7.46
N HIS D 124 -21.56 13.61 -8.28
CA HIS D 124 -22.87 13.12 -8.63
C HIS D 124 -22.72 11.83 -9.41
N PHE D 125 -21.80 11.83 -10.36
CA PHE D 125 -21.58 10.65 -11.18
C PHE D 125 -21.16 9.44 -10.35
N VAL D 126 -20.17 9.65 -9.49
CA VAL D 126 -19.58 8.57 -8.70
C VAL D 126 -20.57 7.97 -7.71
N LEU D 127 -21.17 8.81 -6.88
CA LEU D 127 -22.11 8.35 -5.86
C LEU D 127 -23.43 7.84 -6.44
N ASP D 128 -23.95 8.52 -7.46
CA ASP D 128 -25.27 8.20 -8.02
C ASP D 128 -25.29 7.30 -9.26
N THR D 129 -24.13 6.95 -9.81
CA THR D 129 -24.09 6.08 -10.98
C THR D 129 -23.09 4.95 -10.82
N LEU D 130 -21.82 5.33 -10.70
CA LEU D 130 -20.75 4.35 -10.69
C LEU D 130 -20.94 3.37 -9.54
N LEU D 131 -21.00 3.90 -8.32
CA LEU D 131 -21.10 3.06 -7.14
C LEU D 131 -22.49 2.42 -6.96
N SER D 132 -23.52 3.04 -7.54
CA SER D 132 -24.87 2.49 -7.45
C SER D 132 -24.98 1.20 -8.25
N HIS D 133 -24.22 1.10 -9.34
CA HIS D 133 -24.21 -0.09 -10.19
C HIS D 133 -23.89 -1.32 -9.35
N HIS D 134 -24.58 -2.42 -9.63
CA HIS D 134 -24.51 -3.63 -8.79
C HIS D 134 -23.14 -4.31 -8.79
N GLY D 135 -22.45 -4.30 -9.93
CA GLY D 135 -21.13 -4.93 -10.04
C GLY D 135 -19.96 -4.18 -9.45
N VAL D 136 -20.10 -2.86 -9.28
CA VAL D 136 -19.00 -2.03 -8.81
C VAL D 136 -18.78 -2.20 -7.31
N GLN D 137 -17.67 -2.85 -6.95
CA GLN D 137 -17.34 -3.17 -5.57
C GLN D 137 -16.68 -2.00 -4.84
N ASP D 138 -15.80 -1.29 -5.53
CA ASP D 138 -15.12 -0.11 -4.99
C ASP D 138 -14.56 0.71 -6.12
N ALA D 139 -14.56 2.04 -5.97
CA ALA D 139 -13.94 2.94 -6.93
C ALA D 139 -12.89 3.79 -6.24
N GLN D 140 -11.91 4.25 -7.02
CA GLN D 140 -10.78 4.97 -6.47
C GLN D 140 -10.20 5.89 -7.54
N SER D 141 -10.43 7.19 -7.41
CA SER D 141 -10.14 8.12 -8.51
C SER D 141 -9.10 9.20 -8.23
N SER D 142 -8.26 9.41 -9.24
CA SER D 142 -7.28 10.49 -9.24
C SER D 142 -7.60 11.43 -10.39
N PHE D 143 -7.17 12.68 -10.27
CA PHE D 143 -7.44 13.70 -11.27
C PHE D 143 -6.17 14.28 -11.90
N VAL D 144 -6.34 14.88 -13.08
CA VAL D 144 -5.23 15.37 -13.89
C VAL D 144 -4.87 16.81 -13.59
N LEU D 145 -3.72 17.03 -12.99
CA LEU D 145 -3.30 18.38 -12.65
C LEU D 145 -2.74 19.13 -13.87
N LYS D 146 -2.06 18.42 -14.77
CA LYS D 146 -1.43 19.04 -15.93
C LYS D 146 -1.14 18.02 -17.03
N GLU D 147 -1.59 18.31 -18.25
CA GLU D 147 -1.40 17.43 -19.41
C GLU D 147 -0.07 17.71 -20.14
N ILE D 148 0.98 16.96 -19.77
CA ILE D 148 2.31 17.03 -20.39
C ILE D 148 2.29 16.72 -21.88
N LYS D 149 1.54 15.68 -22.27
CA LYS D 149 1.44 15.28 -23.66
C LYS D 149 0.17 14.48 -23.89
N HIS D 150 -0.41 14.66 -25.07
CA HIS D 150 -1.57 13.90 -25.49
C HIS D 150 -1.73 13.98 -27.00
N THR D 151 -1.56 12.82 -27.63
CA THR D 151 -1.73 12.68 -29.08
C THR D 151 -2.44 11.35 -29.33
N THR D 152 -3.24 11.30 -30.40
CA THR D 152 -3.89 10.07 -30.83
C THR D 152 -2.99 9.26 -31.77
N SER D 153 -1.90 9.87 -32.20
CA SER D 153 -1.03 9.31 -33.24
C SER D 153 -0.18 8.16 -32.70
N LEU D 154 -0.34 6.98 -33.29
CA LEU D 154 0.50 5.82 -32.94
C LEU D 154 1.87 5.89 -33.62
N PRO D 155 2.94 5.43 -32.92
CA PRO D 155 4.26 5.28 -33.54
C PRO D 155 4.30 4.16 -34.58
N LEU D 156 4.87 4.42 -35.75
CA LEU D 156 4.87 3.46 -36.85
C LEU D 156 6.26 3.04 -37.37
N ASN D 157 7.31 3.66 -36.86
CA ASN D 157 8.67 3.38 -37.34
C ASN D 157 9.06 1.92 -37.18
N HIS D 158 8.38 1.21 -36.28
CA HIS D 158 8.60 -0.22 -36.13
C HIS D 158 8.23 -1.03 -37.39
N LEU D 159 7.56 -0.39 -38.35
CA LEU D 159 7.20 -1.05 -39.60
C LEU D 159 8.21 -0.84 -40.72
N LEU D 160 9.25 -0.03 -40.47
CA LEU D 160 10.31 0.20 -41.47
C LEU D 160 11.37 -0.90 -41.38
N THR E 7 13.51 -25.00 -37.08
CA THR E 7 12.07 -25.21 -37.40
C THR E 7 11.64 -26.59 -36.94
N LEU E 8 10.74 -26.63 -35.95
CA LEU E 8 10.35 -27.88 -35.28
C LEU E 8 9.14 -28.52 -35.93
N ASP E 9 9.05 -29.84 -35.78
CA ASP E 9 7.91 -30.62 -36.29
C ASP E 9 7.35 -31.49 -35.16
N LYS E 10 6.28 -32.25 -35.47
CA LYS E 10 5.59 -33.04 -34.44
C LYS E 10 6.48 -34.02 -33.68
N THR E 11 7.28 -34.81 -34.39
CA THR E 11 8.20 -35.74 -33.73
C THR E 11 9.23 -34.95 -32.94
N ASP E 12 9.85 -33.97 -33.60
CA ASP E 12 10.85 -33.11 -32.98
C ASP E 12 10.36 -32.72 -31.58
N ILE E 13 9.11 -32.25 -31.53
CA ILE E 13 8.48 -31.83 -30.27
C ILE E 13 8.30 -32.94 -29.24
N LYS E 14 7.68 -34.04 -29.65
CA LYS E 14 7.36 -35.12 -28.71
C LYS E 14 8.59 -35.56 -27.89
N ILE E 15 9.77 -35.41 -28.48
CA ILE E 15 11.05 -35.64 -27.77
C ILE E 15 11.12 -34.72 -26.56
N LEU E 16 10.89 -33.43 -26.81
CA LEU E 16 11.03 -32.39 -25.81
C LEU E 16 10.15 -32.66 -24.62
N GLN E 17 8.91 -33.05 -24.88
CA GLN E 17 7.95 -33.38 -23.81
C GLN E 17 8.46 -34.56 -22.98
N VAL E 18 8.95 -35.58 -23.66
CA VAL E 18 9.49 -36.76 -23.01
C VAL E 18 10.75 -36.42 -22.23
N LEU E 19 11.69 -35.74 -22.90
CA LEU E 19 12.97 -35.35 -22.29
C LEU E 19 12.79 -34.41 -21.09
N GLN E 20 11.96 -33.38 -21.25
CA GLN E 20 11.66 -32.45 -20.15
C GLN E 20 11.38 -33.18 -18.83
N GLU E 21 10.71 -34.32 -18.92
CA GLU E 21 10.29 -35.12 -17.75
C GLU E 21 11.29 -36.22 -17.36
N ASN E 22 11.96 -36.79 -18.37
CA ASN E 22 13.01 -37.77 -18.14
C ASN E 22 14.25 -37.43 -18.95
N GLY E 23 15.03 -36.49 -18.44
CA GLY E 23 16.22 -36.01 -19.13
C GLY E 23 17.41 -36.95 -19.16
N ARG E 24 17.34 -38.06 -18.43
CA ARG E 24 18.47 -39.00 -18.35
C ARG E 24 18.24 -40.27 -19.18
N LEU E 25 17.35 -40.18 -20.17
CA LEU E 25 17.02 -41.31 -21.02
C LEU E 25 18.20 -41.77 -21.86
N THR E 26 18.07 -42.97 -22.42
CA THR E 26 19.04 -43.48 -23.36
C THR E 26 18.48 -43.31 -24.76
N ASN E 27 19.36 -43.05 -25.73
CA ASN E 27 18.90 -42.80 -27.08
C ASN E 27 17.94 -43.89 -27.52
N VAL E 28 18.28 -45.14 -27.22
CA VAL E 28 17.42 -46.29 -27.51
C VAL E 28 16.00 -46.12 -26.93
N GLU E 29 15.92 -45.68 -25.68
CA GLU E 29 14.63 -45.47 -25.00
C GLU E 29 13.88 -44.29 -25.60
N LEU E 30 14.56 -43.14 -25.70
CA LEU E 30 13.94 -41.95 -26.25
C LEU E 30 13.49 -42.19 -27.70
N SER E 31 14.33 -42.86 -28.49
CA SER E 31 14.01 -43.21 -29.88
C SER E 31 12.70 -43.96 -29.92
N GLU E 32 12.56 -44.88 -28.95
CA GLU E 32 11.37 -45.73 -28.84
C GLU E 32 10.10 -44.89 -28.69
N ARG E 33 10.07 -44.05 -27.65
CA ARG E 33 8.88 -43.26 -27.32
C ARG E 33 8.48 -42.33 -28.45
N VAL E 34 9.45 -41.55 -28.94
CA VAL E 34 9.19 -40.59 -30.02
C VAL E 34 8.87 -41.32 -31.33
N ALA E 35 8.87 -42.65 -31.27
CA ALA E 35 8.54 -43.52 -32.39
C ALA E 35 9.51 -43.29 -33.55
N LEU E 36 10.79 -43.26 -33.23
CA LEU E 36 11.85 -43.06 -34.21
C LEU E 36 12.91 -44.17 -34.07
N SER E 37 13.81 -44.23 -35.05
CA SER E 37 14.98 -45.07 -34.96
C SER E 37 16.06 -44.28 -34.27
N PRO E 38 17.01 -44.95 -33.60
CA PRO E 38 18.04 -44.23 -32.87
C PRO E 38 18.78 -43.17 -33.71
N SER E 39 19.27 -43.56 -34.88
CA SER E 39 20.08 -42.65 -35.69
C SER E 39 19.34 -41.36 -36.07
N PRO E 40 18.11 -41.47 -36.61
CA PRO E 40 17.32 -40.27 -36.92
C PRO E 40 16.77 -39.56 -35.68
N CYS E 41 16.58 -40.31 -34.62
CA CYS E 41 16.19 -39.74 -33.33
C CYS E 41 17.33 -38.89 -32.82
N LEU E 42 18.52 -39.46 -32.84
CA LEU E 42 19.71 -38.79 -32.32
C LEU E 42 20.06 -37.50 -33.05
N ARG E 43 19.94 -37.47 -34.37
CA ARG E 43 20.22 -36.25 -35.13
C ARG E 43 19.26 -35.13 -34.72
N ARG E 44 17.98 -35.50 -34.52
CA ARG E 44 16.96 -34.56 -34.06
C ARG E 44 17.32 -34.00 -32.70
N LEU E 45 17.44 -34.88 -31.71
CA LEU E 45 17.77 -34.48 -30.36
C LEU E 45 19.00 -33.61 -30.32
N LYS E 46 20.01 -33.99 -31.09
CA LYS E 46 21.21 -33.18 -31.25
C LYS E 46 20.81 -31.86 -31.87
N GLN E 47 20.24 -31.92 -33.06
CA GLN E 47 19.79 -30.74 -33.79
C GLN E 47 19.16 -29.73 -32.85
N LEU E 48 18.26 -30.21 -31.99
CA LEU E 48 17.55 -29.36 -31.05
C LEU E 48 18.53 -28.67 -30.07
N GLU E 49 19.56 -29.39 -29.64
CA GLU E 49 20.56 -28.83 -28.74
C GLU E 49 21.42 -27.82 -29.48
N ASP E 50 21.92 -28.21 -30.66
CA ASP E 50 22.59 -27.29 -31.57
C ASP E 50 21.91 -25.92 -31.55
N ALA E 51 20.60 -25.93 -31.75
CA ALA E 51 19.81 -24.70 -31.80
C ALA E 51 19.91 -23.89 -30.52
N GLY E 52 19.65 -24.56 -29.41
CA GLY E 52 19.44 -23.91 -28.14
C GLY E 52 18.06 -24.22 -27.58
N ILE E 53 17.26 -25.00 -28.31
CA ILE E 53 15.93 -25.40 -27.83
C ILE E 53 16.03 -26.06 -26.45
N VAL E 54 16.99 -26.97 -26.32
CA VAL E 54 17.38 -27.50 -25.02
C VAL E 54 18.67 -26.79 -24.60
N ARG E 55 18.60 -26.05 -23.51
CA ARG E 55 19.73 -25.26 -23.02
C ARG E 55 20.56 -25.98 -21.96
N GLN E 56 20.03 -27.07 -21.41
CA GLN E 56 20.72 -27.82 -20.38
C GLN E 56 19.93 -29.04 -19.96
N TYR E 57 20.64 -30.09 -19.58
CA TYR E 57 20.06 -31.23 -18.87
C TYR E 57 20.56 -31.11 -17.43
N ALA E 58 19.63 -31.18 -16.47
CA ALA E 58 20.00 -30.96 -15.08
C ALA E 58 19.36 -32.00 -14.14
N ALA E 59 20.13 -32.35 -13.11
CA ALA E 59 19.63 -33.15 -12.00
C ALA E 59 18.92 -32.19 -11.08
N LEU E 60 17.67 -32.50 -10.76
CA LEU E 60 16.87 -31.68 -9.87
C LEU E 60 16.87 -32.31 -8.49
N LEU E 61 17.27 -31.52 -7.49
CA LEU E 61 17.40 -31.99 -6.10
C LEU E 61 16.18 -31.70 -5.22
N SER E 62 15.98 -32.53 -4.20
CA SER E 62 15.00 -32.23 -3.15
C SER E 62 15.63 -31.24 -2.15
N PRO E 63 15.02 -30.06 -1.98
CA PRO E 63 15.57 -29.06 -1.09
C PRO E 63 15.72 -29.53 0.36
N GLU E 64 14.65 -30.08 0.94
CA GLU E 64 14.66 -30.53 2.33
C GLU E 64 15.65 -31.66 2.52
N SER E 65 15.68 -32.57 1.54
CA SER E 65 16.69 -33.63 1.49
C SER E 65 18.09 -33.17 1.84
N VAL E 66 18.39 -31.92 1.54
CA VAL E 66 19.73 -31.37 1.71
C VAL E 66 19.75 -30.22 2.74
N ASN E 67 18.86 -30.30 3.73
CA ASN E 67 18.81 -29.36 4.86
C ASN E 67 18.24 -27.97 4.51
N LEU E 68 17.96 -27.73 3.22
CA LEU E 68 17.39 -26.46 2.79
C LEU E 68 15.89 -26.54 2.94
N GLY E 69 15.39 -26.07 4.07
CA GLY E 69 13.96 -26.15 4.36
C GLY E 69 13.27 -24.83 4.09
N LEU E 70 14.05 -23.76 4.07
CA LEU E 70 13.50 -22.44 3.95
C LEU E 70 13.76 -21.87 2.56
N GLN E 71 12.66 -21.64 1.83
CA GLN E 71 12.69 -21.14 0.47
C GLN E 71 11.99 -19.77 0.42
N ALA E 72 12.74 -18.73 0.08
CA ALA E 72 12.24 -17.36 0.15
C ALA E 72 12.12 -16.73 -1.22
N PHE E 73 11.11 -15.87 -1.36
CA PHE E 73 10.98 -15.00 -2.52
C PHE E 73 11.17 -13.61 -1.97
N ILE E 74 12.29 -12.97 -2.31
CA ILE E 74 12.58 -11.63 -1.84
C ILE E 74 12.26 -10.65 -2.94
N ARG E 75 11.69 -9.51 -2.56
CA ARG E 75 11.43 -8.41 -3.49
C ARG E 75 12.39 -7.28 -3.17
N VAL E 76 13.41 -7.13 -4.00
CA VAL E 76 14.43 -6.12 -3.79
C VAL E 76 14.17 -4.90 -4.66
N SER E 77 14.54 -3.74 -4.16
CA SER E 77 14.44 -2.50 -4.93
C SER E 77 15.83 -1.88 -5.08
N ILE E 78 16.32 -1.79 -6.30
CA ILE E 78 17.68 -1.31 -6.51
C ILE E 78 17.75 0.19 -6.55
N ARG E 79 18.87 0.71 -6.06
CA ARG E 79 19.16 2.14 -6.06
C ARG E 79 19.21 2.63 -7.50
N LYS E 80 18.93 3.91 -7.68
CA LYS E 80 18.82 4.48 -9.01
C LYS E 80 20.16 5.10 -9.43
N ALA E 81 20.98 4.30 -10.08
CA ALA E 81 22.27 4.75 -10.60
C ALA E 81 22.68 3.82 -11.73
N LYS E 82 23.61 4.30 -12.57
CA LYS E 82 24.04 3.54 -13.75
C LYS E 82 24.75 2.24 -13.32
N ASP E 83 25.55 2.35 -12.28
CA ASP E 83 26.24 1.21 -11.71
C ASP E 83 25.31 0.21 -11.06
N ALA E 84 24.29 0.70 -10.36
CA ALA E 84 23.53 -0.10 -9.41
C ALA E 84 22.99 -1.38 -10.04
N ARG E 85 22.46 -1.26 -11.25
CA ARG E 85 21.84 -2.40 -11.93
C ARG E 85 22.82 -3.50 -12.32
N GLU E 86 24.02 -3.09 -12.70
CA GLU E 86 25.02 -4.05 -13.18
C GLU E 86 25.82 -4.70 -12.04
N ASP E 87 26.33 -3.91 -11.11
CA ASP E 87 27.05 -4.46 -9.95
C ASP E 87 26.18 -5.49 -9.24
N PHE E 88 24.95 -5.09 -8.93
CA PHE E 88 23.97 -5.98 -8.32
C PHE E 88 23.75 -7.22 -9.16
N ALA E 89 23.57 -7.02 -10.46
CA ALA E 89 23.41 -8.15 -11.37
C ALA E 89 24.59 -9.11 -11.21
N ALA E 90 25.81 -8.55 -11.26
CA ALA E 90 27.05 -9.32 -11.18
C ALA E 90 27.24 -9.97 -9.81
N SER E 91 26.75 -9.32 -8.75
CA SER E 91 26.82 -9.88 -7.40
C SER E 91 25.85 -11.05 -7.21
N VAL E 92 24.61 -10.90 -7.70
CA VAL E 92 23.58 -11.93 -7.51
C VAL E 92 23.92 -13.21 -8.23
N ARG E 93 24.69 -13.09 -9.31
CA ARG E 93 25.15 -14.26 -10.06
C ARG E 93 26.19 -15.05 -9.27
N LYS E 94 26.84 -14.39 -8.32
CA LYS E 94 27.88 -15.02 -7.52
C LYS E 94 27.35 -15.43 -6.15
N TRP E 95 26.05 -15.30 -5.92
CA TRP E 95 25.41 -15.79 -4.69
C TRP E 95 24.69 -17.11 -4.96
N PRO E 96 25.28 -18.23 -4.54
CA PRO E 96 24.71 -19.55 -4.80
C PRO E 96 23.39 -19.85 -4.08
N GLU E 97 23.13 -19.17 -2.97
CA GLU E 97 21.88 -19.40 -2.24
C GLU E 97 20.71 -18.82 -2.99
N VAL E 98 20.98 -17.93 -3.93
CA VAL E 98 19.95 -17.39 -4.82
C VAL E 98 19.98 -18.11 -6.16
N LEU E 99 18.91 -18.86 -6.45
CA LEU E 99 18.83 -19.61 -7.70
C LEU E 99 18.39 -18.69 -8.86
N SER E 100 17.30 -17.95 -8.64
CA SER E 100 16.72 -17.11 -9.68
C SER E 100 16.72 -15.62 -9.34
N CYS E 101 16.52 -14.83 -10.38
CA CYS E 101 16.48 -13.39 -10.26
C CYS E 101 15.80 -12.83 -11.49
N PHE E 102 14.84 -11.95 -11.28
CA PHE E 102 14.07 -11.38 -12.37
C PHE E 102 13.76 -9.92 -12.12
N ALA E 103 14.05 -9.08 -13.12
CA ALA E 103 13.61 -7.69 -13.10
C ALA E 103 12.16 -7.71 -13.55
N LEU E 104 11.27 -7.36 -12.64
CA LEU E 104 9.84 -7.43 -12.90
C LEU E 104 9.25 -6.07 -13.18
N THR E 105 8.01 -6.12 -13.64
CA THR E 105 7.13 -4.97 -13.72
C THR E 105 6.40 -4.85 -12.38
N GLY E 106 5.77 -3.71 -12.15
CA GLY E 106 5.06 -3.44 -10.90
C GLY E 106 5.94 -2.70 -9.91
N GLU E 107 5.54 -2.69 -8.65
CA GLU E 107 6.26 -1.93 -7.63
C GLU E 107 7.55 -2.62 -7.22
N THR E 108 7.60 -3.94 -7.40
CA THR E 108 8.83 -4.69 -7.19
C THR E 108 9.77 -4.50 -8.39
N ASP E 109 10.96 -3.97 -8.15
CA ASP E 109 11.92 -3.80 -9.23
C ASP E 109 12.58 -5.13 -9.59
N TYR E 110 13.00 -5.90 -8.58
CA TYR E 110 13.69 -7.20 -8.78
C TYR E 110 13.15 -8.28 -7.83
N LEU E 111 12.93 -9.47 -8.36
CA LEU E 111 12.41 -10.57 -7.55
C LEU E 111 13.46 -11.68 -7.43
N LEU E 112 13.76 -12.09 -6.20
CA LEU E 112 14.79 -13.10 -5.94
C LEU E 112 14.20 -14.36 -5.35
N GLN E 113 14.60 -15.50 -5.89
CA GLN E 113 14.27 -16.79 -5.31
C GLN E 113 15.53 -17.38 -4.71
N ALA E 114 15.47 -17.73 -3.43
CA ALA E 114 16.64 -18.26 -2.75
C ALA E 114 16.26 -19.33 -1.74
N PHE E 115 17.21 -20.22 -1.47
CA PHE E 115 17.04 -21.34 -0.53
C PHE E 115 18.03 -21.22 0.60
N PHE E 116 17.57 -21.56 1.80
CA PHE E 116 18.37 -21.40 3.00
C PHE E 116 18.17 -22.54 3.96
N THR E 117 19.13 -22.68 4.86
CA THR E 117 19.14 -23.77 5.83
C THR E 117 18.00 -23.64 6.84
N ASP E 118 17.91 -22.44 7.43
CA ASP E 118 16.88 -22.07 8.41
C ASP E 118 16.70 -20.53 8.47
N ASN E 120 17.70 -18.39 10.63
CA ASN E 120 18.94 -17.72 11.01
C ASN E 120 19.83 -17.46 9.79
N ALA E 121 20.04 -18.51 8.99
CA ALA E 121 20.87 -18.38 7.79
C ALA E 121 20.38 -17.23 6.93
N PHE E 122 19.07 -17.15 6.76
CA PHE E 122 18.47 -16.07 6.00
C PHE E 122 18.90 -14.76 6.62
N SER E 123 18.71 -14.68 7.94
CA SER E 123 19.05 -13.48 8.69
C SER E 123 20.43 -12.93 8.30
N HIS E 124 21.43 -13.80 8.24
CA HIS E 124 22.79 -13.39 7.94
C HIS E 124 22.97 -13.03 6.48
N PHE E 125 22.22 -13.71 5.62
CA PHE E 125 22.30 -13.44 4.20
C PHE E 125 21.84 -12.02 3.88
N VAL E 126 20.65 -11.68 4.37
CA VAL E 126 20.04 -10.40 4.02
C VAL E 126 20.81 -9.26 4.67
N LEU E 127 21.08 -9.39 5.97
CA LEU E 127 21.71 -8.31 6.75
C LEU E 127 23.17 -8.10 6.33
N ASP E 128 23.92 -9.19 6.20
CA ASP E 128 25.36 -9.10 5.98
C ASP E 128 25.81 -9.24 4.51
N THR E 129 24.88 -9.33 3.56
CA THR E 129 25.27 -9.50 2.15
C THR E 129 24.34 -8.78 1.20
N LEU E 130 23.05 -9.03 1.33
CA LEU E 130 22.07 -8.44 0.44
C LEU E 130 22.00 -6.93 0.63
N LEU E 131 21.73 -6.52 1.88
CA LEU E 131 21.52 -5.11 2.20
C LEU E 131 22.83 -4.35 2.28
N SER E 132 23.92 -5.08 2.52
CA SER E 132 25.27 -4.51 2.59
C SER E 132 25.77 -4.06 1.21
N HIS E 133 25.29 -4.72 0.17
CA HIS E 133 25.56 -4.34 -1.20
C HIS E 133 25.12 -2.90 -1.43
N HIS E 134 26.01 -2.09 -1.99
CA HIS E 134 25.75 -0.65 -2.13
C HIS E 134 24.51 -0.34 -3.00
N GLY E 135 24.28 -1.16 -4.02
CA GLY E 135 23.16 -0.96 -4.93
C GLY E 135 21.80 -1.27 -4.31
N VAL E 136 21.78 -2.16 -3.32
CA VAL E 136 20.53 -2.56 -2.70
C VAL E 136 20.00 -1.43 -1.81
N GLN E 137 18.88 -0.83 -2.23
CA GLN E 137 18.30 0.29 -1.48
C GLN E 137 17.29 -0.21 -0.44
N ASP E 138 16.60 -1.29 -0.77
CA ASP E 138 15.65 -1.90 0.16
C ASP E 138 15.30 -3.32 -0.26
N ALA E 139 14.94 -4.14 0.73
CA ALA E 139 14.59 -5.54 0.49
C ALA E 139 13.37 -5.89 1.30
N GLN E 140 12.54 -6.77 0.74
CA GLN E 140 11.23 -7.10 1.31
C GLN E 140 10.95 -8.56 0.96
N SER E 141 10.85 -9.43 1.96
CA SER E 141 10.88 -10.88 1.69
C SER E 141 9.71 -11.70 2.26
N SER E 142 9.25 -12.66 1.46
CA SER E 142 8.23 -13.62 1.87
C SER E 142 8.80 -15.02 1.82
N PHE E 143 8.07 -15.97 2.38
CA PHE E 143 8.54 -17.34 2.55
C PHE E 143 7.46 -18.33 2.15
N VAL E 144 7.87 -19.43 1.53
CA VAL E 144 6.95 -20.44 1.04
C VAL E 144 6.48 -21.31 2.19
N LEU E 145 5.18 -21.32 2.40
CA LEU E 145 4.55 -22.16 3.41
C LEU E 145 4.26 -23.53 2.84
N LYS E 146 4.03 -23.61 1.52
CA LYS E 146 3.55 -24.84 0.91
C LYS E 146 3.75 -24.82 -0.60
N GLU E 147 4.38 -25.88 -1.11
CA GLU E 147 4.59 -26.05 -2.55
C GLU E 147 3.39 -26.79 -3.13
N ILE E 148 2.50 -26.03 -3.77
CA ILE E 148 1.31 -26.56 -4.45
C ILE E 148 1.71 -27.25 -5.75
N LYS E 149 2.74 -26.72 -6.41
CA LYS E 149 3.19 -27.20 -7.70
C LYS E 149 4.55 -26.62 -8.01
N HIS E 150 5.42 -27.43 -8.57
CA HIS E 150 6.70 -26.94 -9.05
C HIS E 150 7.27 -27.88 -10.10
N THR E 151 7.21 -27.46 -11.37
CA THR E 151 7.81 -28.18 -12.48
C THR E 151 8.76 -27.26 -13.25
N THR E 152 9.64 -27.88 -14.02
CA THR E 152 10.55 -27.16 -14.89
C THR E 152 10.12 -27.28 -16.36
N SER E 153 9.14 -28.15 -16.64
CA SER E 153 8.73 -28.44 -18.00
C SER E 153 7.78 -27.37 -18.54
N LEU E 154 8.19 -26.74 -19.64
CA LEU E 154 7.40 -25.72 -20.32
C LEU E 154 6.24 -26.43 -21.01
N PRO E 155 5.15 -25.68 -21.28
CA PRO E 155 4.04 -26.21 -22.07
C PRO E 155 4.36 -26.08 -23.56
N LEU E 156 3.96 -27.07 -24.35
CA LEU E 156 4.38 -27.10 -25.76
C LEU E 156 3.26 -27.22 -26.79
N ASN E 157 2.03 -27.40 -26.31
CA ASN E 157 0.88 -27.64 -27.18
C ASN E 157 0.55 -26.49 -28.12
N HIS E 158 1.04 -25.30 -27.79
CA HIS E 158 0.85 -24.13 -28.65
C HIS E 158 1.69 -24.20 -29.94
N LEU E 159 2.52 -25.24 -30.06
CA LEU E 159 3.32 -25.45 -31.26
C LEU E 159 2.66 -26.42 -32.25
N LEU E 160 1.58 -27.08 -31.85
CA LEU E 160 0.89 -28.05 -32.70
C LEU E 160 -0.31 -27.45 -33.45
N LEU F 6 22.39 -42.88 4.06
CA LEU F 6 23.45 -42.52 5.06
C LEU F 6 23.75 -41.01 5.02
N THR F 7 24.92 -40.61 5.51
CA THR F 7 25.36 -39.21 5.46
C THR F 7 26.14 -38.95 4.19
N LEU F 8 25.98 -37.75 3.65
CA LEU F 8 26.67 -37.33 2.45
C LEU F 8 28.04 -36.82 2.87
N ASP F 9 29.08 -37.33 2.21
CA ASP F 9 30.44 -36.81 2.40
C ASP F 9 30.80 -36.03 1.16
N LYS F 10 31.94 -35.36 1.19
CA LYS F 10 32.32 -34.45 0.10
C LYS F 10 32.16 -35.07 -1.29
N THR F 11 32.41 -36.38 -1.38
CA THR F 11 32.25 -37.15 -2.62
C THR F 11 30.80 -37.15 -3.10
N ASP F 12 29.87 -37.37 -2.17
CA ASP F 12 28.46 -37.36 -2.50
C ASP F 12 27.99 -35.98 -2.97
N ILE F 13 28.65 -34.93 -2.48
CA ILE F 13 28.29 -33.56 -2.83
C ILE F 13 28.74 -33.19 -4.22
N LYS F 14 30.02 -33.42 -4.51
CA LYS F 14 30.58 -33.06 -5.81
C LYS F 14 29.78 -33.71 -6.93
N ILE F 15 29.33 -34.95 -6.68
CA ILE F 15 28.45 -35.64 -7.62
C ILE F 15 27.23 -34.78 -7.88
N LEU F 16 26.55 -34.43 -6.79
CA LEU F 16 25.37 -33.60 -6.88
C LEU F 16 25.72 -32.30 -7.58
N GLN F 17 26.82 -31.68 -7.17
CA GLN F 17 27.29 -30.45 -7.81
C GLN F 17 27.49 -30.60 -9.32
N VAL F 18 28.20 -31.64 -9.74
CA VAL F 18 28.43 -31.83 -11.16
C VAL F 18 27.14 -32.16 -11.90
N LEU F 19 26.33 -33.03 -11.27
CA LEU F 19 25.08 -33.53 -11.87
C LEU F 19 23.96 -32.51 -11.99
N GLN F 20 23.86 -31.61 -11.02
CA GLN F 20 22.87 -30.54 -11.09
C GLN F 20 23.13 -29.65 -12.30
N GLU F 21 24.37 -29.66 -12.79
CA GLU F 21 24.77 -28.83 -13.93
C GLU F 21 24.78 -29.62 -15.24
N ASN F 22 25.15 -30.90 -15.18
CA ASN F 22 25.18 -31.74 -16.37
C ASN F 22 24.50 -33.08 -16.10
N GLY F 23 23.19 -33.04 -15.89
CA GLY F 23 22.40 -34.22 -15.51
C GLY F 23 22.28 -35.34 -16.55
N ARG F 24 22.97 -35.20 -17.68
CA ARG F 24 22.96 -36.22 -18.73
C ARG F 24 24.34 -36.86 -18.95
N LEU F 25 25.25 -36.69 -17.99
CA LEU F 25 26.58 -37.30 -18.06
C LEU F 25 26.49 -38.82 -18.16
N THR F 26 27.63 -39.45 -18.43
CA THR F 26 27.75 -40.90 -18.35
C THR F 26 28.41 -41.22 -17.01
N ASN F 27 28.15 -42.41 -16.48
CA ASN F 27 28.81 -42.78 -15.25
C ASN F 27 30.32 -42.69 -15.42
N VAL F 28 30.78 -42.86 -16.65
CA VAL F 28 32.20 -42.76 -16.98
C VAL F 28 32.69 -41.31 -16.83
N GLU F 29 32.00 -40.38 -17.48
CA GLU F 29 32.32 -38.97 -17.37
C GLU F 29 32.20 -38.50 -15.92
N LEU F 30 31.09 -38.87 -15.28
CA LEU F 30 30.83 -38.54 -13.89
C LEU F 30 31.99 -38.95 -12.97
N SER F 31 32.46 -40.18 -13.11
CA SER F 31 33.57 -40.66 -12.30
C SER F 31 34.84 -39.86 -12.55
N GLU F 32 35.11 -39.54 -13.82
CA GLU F 32 36.31 -38.77 -14.21
C GLU F 32 36.34 -37.36 -13.62
N ARG F 33 35.25 -36.93 -13.00
CA ARG F 33 35.15 -35.57 -12.47
C ARG F 33 35.05 -35.49 -10.94
N VAL F 34 35.10 -36.65 -10.29
CA VAL F 34 34.93 -36.72 -8.84
C VAL F 34 36.05 -37.50 -8.17
N ALA F 35 37.06 -37.90 -8.94
CA ALA F 35 38.07 -38.85 -8.50
C ALA F 35 37.40 -40.11 -7.95
N LEU F 36 36.65 -40.80 -8.82
CA LEU F 36 36.00 -42.06 -8.46
C LEU F 36 36.17 -43.08 -9.56
N SER F 37 36.09 -44.35 -9.17
CA SER F 37 36.09 -45.46 -10.10
C SER F 37 34.66 -45.57 -10.63
N PRO F 38 34.49 -46.04 -11.88
CA PRO F 38 33.14 -46.15 -12.43
C PRO F 38 32.14 -46.81 -11.49
N SER F 39 32.44 -48.01 -11.00
CA SER F 39 31.44 -48.75 -10.22
C SER F 39 31.09 -48.04 -8.93
N PRO F 40 32.10 -47.67 -8.11
CA PRO F 40 31.88 -46.90 -6.89
C PRO F 40 31.11 -45.59 -7.05
N CYS F 41 31.20 -44.99 -8.22
CA CYS F 41 30.42 -43.79 -8.54
C CYS F 41 28.95 -44.19 -8.66
N LEU F 42 28.67 -45.13 -9.57
CA LEU F 42 27.30 -45.55 -9.86
C LEU F 42 26.59 -46.11 -8.64
N ARG F 43 27.34 -46.65 -7.67
CA ARG F 43 26.74 -47.12 -6.43
C ARG F 43 26.21 -45.95 -5.62
N ARG F 44 27.03 -44.92 -5.54
CA ARG F 44 26.72 -43.76 -4.70
C ARG F 44 25.59 -42.94 -5.30
N LEU F 45 25.49 -42.91 -6.62
CA LEU F 45 24.43 -42.14 -7.28
C LEU F 45 23.06 -42.78 -7.06
N LYS F 46 23.01 -44.10 -7.10
CA LYS F 46 21.75 -44.82 -6.82
C LYS F 46 21.28 -44.54 -5.41
N GLN F 47 22.18 -44.72 -4.45
CA GLN F 47 21.86 -44.40 -3.07
C GLN F 47 21.18 -43.05 -3.04
N LEU F 48 21.84 -42.05 -3.60
CA LEU F 48 21.33 -40.68 -3.63
C LEU F 48 19.92 -40.62 -4.22
N GLU F 49 19.69 -41.40 -5.29
CA GLU F 49 18.40 -41.37 -5.98
C GLU F 49 17.25 -41.92 -5.15
N ASP F 50 17.46 -43.11 -4.60
CA ASP F 50 16.46 -43.76 -3.78
C ASP F 50 16.14 -42.89 -2.58
N ALA F 51 17.19 -42.42 -1.90
CA ALA F 51 17.03 -41.59 -0.72
C ALA F 51 16.49 -40.20 -1.06
N GLY F 52 15.65 -40.10 -2.09
CA GLY F 52 15.00 -38.84 -2.45
C GLY F 52 15.87 -37.64 -2.83
N ILE F 53 17.18 -37.69 -2.60
CA ILE F 53 18.02 -36.51 -2.82
C ILE F 53 17.93 -36.00 -4.25
N VAL F 54 17.94 -36.93 -5.20
CA VAL F 54 17.75 -36.61 -6.61
C VAL F 54 16.33 -37.00 -7.02
N ARG F 55 15.45 -36.02 -7.07
CA ARG F 55 14.04 -36.27 -7.30
C ARG F 55 13.65 -36.39 -8.78
N GLN F 56 14.48 -35.88 -9.68
CA GLN F 56 14.18 -35.98 -11.10
C GLN F 56 15.35 -35.49 -11.95
N TYR F 57 15.53 -36.12 -13.11
CA TYR F 57 16.44 -35.65 -14.13
C TYR F 57 15.61 -35.02 -15.24
N ALA F 58 15.88 -33.77 -15.59
CA ALA F 58 15.02 -33.05 -16.55
C ALA F 58 15.81 -32.25 -17.59
N ALA F 59 15.21 -32.10 -18.76
CA ALA F 59 15.75 -31.33 -19.88
C ALA F 59 15.17 -29.92 -19.87
N LEU F 60 16.01 -28.93 -19.60
CA LEU F 60 15.56 -27.55 -19.46
C LEU F 60 15.53 -26.90 -20.85
N LEU F 61 14.34 -26.45 -21.26
CA LEU F 61 14.15 -25.80 -22.56
C LEU F 61 14.36 -24.29 -22.47
N SER F 62 14.52 -23.66 -23.64
CA SER F 62 14.58 -22.20 -23.73
C SER F 62 13.20 -21.64 -24.10
N PRO F 63 12.50 -21.02 -23.12
CA PRO F 63 11.20 -20.38 -23.34
C PRO F 63 11.00 -19.68 -24.70
N GLU F 64 11.95 -18.85 -25.09
CA GLU F 64 11.88 -18.08 -26.35
C GLU F 64 11.93 -19.04 -27.51
N SER F 65 12.81 -20.03 -27.42
CA SER F 65 12.94 -21.07 -28.42
C SER F 65 11.62 -21.72 -28.79
N VAL F 66 10.72 -21.86 -27.83
CA VAL F 66 9.39 -22.45 -28.07
C VAL F 66 8.28 -21.39 -28.05
N ASN F 67 8.59 -20.20 -28.57
CA ASN F 67 7.61 -19.11 -28.72
C ASN F 67 7.01 -18.58 -27.40
N LEU F 68 7.53 -19.03 -26.27
CA LEU F 68 7.05 -18.58 -24.98
C LEU F 68 7.83 -17.34 -24.58
N GLY F 69 7.26 -16.18 -24.83
CA GLY F 69 7.93 -14.93 -24.48
C GLY F 69 7.52 -14.44 -23.12
N LEU F 70 6.23 -14.49 -22.84
CA LEU F 70 5.68 -13.89 -21.65
C LEU F 70 5.84 -14.82 -20.44
N GLN F 71 6.74 -14.45 -19.53
CA GLN F 71 6.89 -15.12 -18.24
C GLN F 71 6.15 -14.29 -17.20
N ALA F 72 5.11 -14.89 -16.61
CA ALA F 72 4.21 -14.19 -15.71
C ALA F 72 4.39 -14.63 -14.27
N PHE F 73 4.39 -13.65 -13.37
CA PHE F 73 4.33 -13.92 -11.92
C PHE F 73 3.00 -13.37 -11.41
N ILE F 74 2.05 -14.28 -11.19
CA ILE F 74 0.69 -13.91 -10.84
C ILE F 74 0.46 -14.13 -9.34
N ARG F 75 0.17 -13.04 -8.63
CA ARG F 75 -0.19 -13.10 -7.22
C ARG F 75 -1.70 -13.20 -7.11
N VAL F 76 -2.19 -14.35 -6.67
CA VAL F 76 -3.63 -14.59 -6.50
C VAL F 76 -4.00 -14.47 -5.03
N SER F 77 -5.28 -14.36 -4.77
CA SER F 77 -5.79 -14.35 -3.42
C SER F 77 -7.04 -15.22 -3.36
N ILE F 78 -7.00 -16.27 -2.54
CA ILE F 78 -8.07 -17.25 -2.48
C ILE F 78 -9.25 -16.75 -1.68
N ARG F 79 -10.39 -17.41 -1.88
CA ARG F 79 -11.64 -17.08 -1.20
C ARG F 79 -11.64 -17.62 0.22
N LYS F 80 -12.41 -16.99 1.10
CA LYS F 80 -12.64 -17.52 2.44
C LYS F 80 -13.86 -18.44 2.36
N ALA F 81 -13.64 -19.64 1.84
CA ALA F 81 -14.69 -20.63 1.67
C ALA F 81 -14.13 -21.98 2.04
N LYS F 82 -14.94 -23.02 1.91
CA LYS F 82 -14.53 -24.36 2.27
C LYS F 82 -14.02 -25.13 1.06
N ASP F 83 -12.90 -25.79 1.22
CA ASP F 83 -12.24 -26.52 0.12
C ASP F 83 -11.83 -25.60 -1.04
N ALA F 84 -11.77 -24.29 -0.80
CA ALA F 84 -11.37 -23.31 -1.83
C ALA F 84 -9.89 -23.45 -2.18
N ARG F 85 -9.06 -23.70 -1.16
CA ARG F 85 -7.63 -23.91 -1.37
C ARG F 85 -7.30 -25.28 -1.99
N GLU F 86 -8.19 -26.26 -1.82
CA GLU F 86 -7.99 -27.58 -2.39
C GLU F 86 -8.32 -27.55 -3.88
N ASP F 87 -9.55 -27.14 -4.20
CA ASP F 87 -10.00 -27.07 -5.58
C ASP F 87 -9.01 -26.28 -6.39
N PHE F 88 -8.64 -25.12 -5.85
CA PHE F 88 -7.65 -24.28 -6.50
C PHE F 88 -6.37 -25.06 -6.79
N ALA F 89 -5.77 -25.61 -5.75
CA ALA F 89 -4.55 -26.41 -5.90
C ALA F 89 -4.73 -27.48 -6.99
N ALA F 90 -5.76 -28.30 -6.87
CA ALA F 90 -5.99 -29.38 -7.85
C ALA F 90 -6.12 -28.84 -9.27
N SER F 91 -6.71 -27.66 -9.40
CA SER F 91 -6.86 -27.01 -10.70
C SER F 91 -5.51 -26.59 -11.24
N VAL F 92 -4.74 -25.87 -10.43
CA VAL F 92 -3.47 -25.31 -10.89
C VAL F 92 -2.50 -26.40 -11.30
N ARG F 93 -2.70 -27.59 -10.74
CA ARG F 93 -1.94 -28.76 -11.13
C ARG F 93 -2.30 -29.26 -12.54
N LYS F 94 -3.46 -28.87 -13.04
CA LYS F 94 -3.91 -29.30 -14.37
C LYS F 94 -3.65 -28.26 -15.45
N TRP F 95 -3.12 -27.10 -15.07
CA TRP F 95 -2.82 -26.04 -16.01
C TRP F 95 -1.36 -26.06 -16.40
N PRO F 96 -1.04 -26.61 -17.57
CA PRO F 96 0.35 -26.65 -18.05
C PRO F 96 1.05 -25.29 -18.18
N GLU F 97 0.29 -24.23 -18.42
CA GLU F 97 0.88 -22.90 -18.59
C GLU F 97 1.50 -22.40 -17.30
N VAL F 98 1.02 -22.93 -16.16
CA VAL F 98 1.62 -22.63 -14.85
C VAL F 98 2.58 -23.74 -14.44
N LEU F 99 3.83 -23.36 -14.26
CA LEU F 99 4.88 -24.31 -13.93
C LEU F 99 4.96 -24.51 -12.42
N SER F 100 4.89 -23.41 -11.67
CA SER F 100 5.07 -23.45 -10.22
C SER F 100 4.01 -22.65 -9.49
N CYS F 101 3.88 -22.94 -8.20
CA CYS F 101 2.82 -22.38 -7.38
C CYS F 101 3.11 -22.59 -5.89
N PHE F 102 3.17 -21.47 -5.16
CA PHE F 102 3.58 -21.48 -3.77
C PHE F 102 2.63 -20.65 -2.90
N ALA F 103 2.24 -21.22 -1.77
CA ALA F 103 1.45 -20.49 -0.78
C ALA F 103 2.43 -19.69 0.05
N LEU F 104 2.40 -18.37 -0.07
CA LEU F 104 3.44 -17.51 0.53
C LEU F 104 2.99 -16.76 1.76
N THR F 105 3.98 -16.32 2.54
CA THR F 105 3.79 -15.44 3.66
C THR F 105 3.58 -14.04 3.05
N GLY F 106 2.93 -13.15 3.79
CA GLY F 106 2.73 -11.77 3.35
C GLY F 106 1.33 -11.52 2.82
N GLU F 107 1.20 -10.43 2.07
CA GLU F 107 -0.09 -10.02 1.53
C GLU F 107 -0.57 -11.07 0.55
N THR F 108 0.38 -11.60 -0.20
CA THR F 108 0.11 -12.56 -1.27
C THR F 108 -0.19 -13.93 -0.69
N ASP F 109 -1.37 -14.45 -0.98
CA ASP F 109 -1.77 -15.77 -0.50
C ASP F 109 -1.04 -16.86 -1.27
N TYR F 110 -1.03 -16.72 -2.59
CA TYR F 110 -0.42 -17.69 -3.48
C TYR F 110 0.33 -16.98 -4.60
N LEU F 111 1.40 -17.61 -5.08
CA LEU F 111 2.20 -17.06 -6.18
C LEU F 111 2.42 -18.08 -7.28
N LEU F 112 2.05 -17.72 -8.51
CA LEU F 112 2.22 -18.59 -9.68
C LEU F 112 3.23 -17.99 -10.65
N GLN F 113 4.10 -18.85 -11.20
CA GLN F 113 5.03 -18.52 -12.27
C GLN F 113 4.56 -19.26 -13.50
N ALA F 114 3.98 -18.55 -14.47
CA ALA F 114 3.47 -19.19 -15.68
C ALA F 114 4.10 -18.63 -16.95
N PHE F 115 4.01 -19.41 -18.02
CA PHE F 115 4.54 -19.03 -19.31
C PHE F 115 3.47 -18.97 -20.37
N PHE F 116 3.57 -17.95 -21.23
CA PHE F 116 2.58 -17.73 -22.27
C PHE F 116 3.25 -17.27 -23.54
N THR F 117 2.49 -17.35 -24.63
CA THR F 117 2.97 -16.93 -25.93
C THR F 117 3.23 -15.44 -25.89
N ASP F 118 2.16 -14.69 -25.61
CA ASP F 118 2.15 -13.23 -25.61
C ASP F 118 1.01 -12.72 -24.73
N ASN F 120 -1.92 -11.58 -25.25
CA ASN F 120 -3.23 -12.13 -25.59
C ASN F 120 -3.46 -13.43 -24.85
N ALA F 121 -2.63 -14.42 -25.16
CA ALA F 121 -2.65 -15.70 -24.45
C ALA F 121 -2.89 -15.46 -22.98
N PHE F 122 -2.12 -14.55 -22.39
CA PHE F 122 -2.27 -14.27 -20.97
C PHE F 122 -3.68 -13.83 -20.65
N SER F 123 -4.13 -12.81 -21.37
CA SER F 123 -5.47 -12.28 -21.16
C SER F 123 -6.50 -13.39 -21.17
N HIS F 124 -6.43 -14.25 -22.18
CA HIS F 124 -7.35 -15.38 -22.24
C HIS F 124 -7.24 -16.27 -21.02
N PHE F 125 -6.00 -16.53 -20.59
CA PHE F 125 -5.82 -17.42 -19.45
C PHE F 125 -6.53 -16.84 -18.25
N VAL F 126 -6.08 -15.65 -17.88
CA VAL F 126 -6.53 -15.02 -16.65
C VAL F 126 -8.04 -14.92 -16.65
N LEU F 127 -8.58 -14.24 -17.66
CA LEU F 127 -10.00 -13.93 -17.73
C LEU F 127 -10.91 -15.16 -17.80
N ASP F 128 -10.55 -16.14 -18.63
CA ASP F 128 -11.43 -17.29 -18.89
C ASP F 128 -11.06 -18.60 -18.16
N THR F 129 -10.16 -18.54 -17.18
CA THR F 129 -9.74 -19.74 -16.46
C THR F 129 -9.28 -19.47 -15.04
N LEU F 130 -8.33 -18.59 -14.85
CA LEU F 130 -7.87 -18.27 -13.51
C LEU F 130 -9.01 -17.64 -12.74
N LEU F 131 -9.53 -16.54 -13.26
CA LEU F 131 -10.56 -15.77 -12.60
C LEU F 131 -11.93 -16.44 -12.64
N SER F 132 -12.13 -17.36 -13.58
CA SER F 132 -13.39 -18.09 -13.68
C SER F 132 -13.52 -19.13 -12.55
N HIS F 133 -12.39 -19.67 -12.11
CA HIS F 133 -12.37 -20.60 -10.99
C HIS F 133 -13.09 -19.99 -9.80
N HIS F 134 -13.94 -20.78 -9.15
CA HIS F 134 -14.78 -20.27 -8.07
C HIS F 134 -13.96 -19.72 -6.89
N GLY F 135 -12.90 -20.44 -6.53
CA GLY F 135 -12.06 -20.09 -5.38
C GLY F 135 -11.14 -18.90 -5.57
N VAL F 136 -10.92 -18.48 -6.82
CA VAL F 136 -10.10 -17.28 -7.06
C VAL F 136 -10.92 -16.03 -6.77
N GLN F 137 -10.54 -15.31 -5.71
CA GLN F 137 -11.20 -14.05 -5.34
C GLN F 137 -10.53 -12.86 -6.00
N ASP F 138 -9.22 -12.89 -6.12
CA ASP F 138 -8.48 -11.75 -6.65
C ASP F 138 -7.17 -12.20 -7.25
N ALA F 139 -6.80 -11.56 -8.36
CA ALA F 139 -5.56 -11.85 -9.05
C ALA F 139 -4.84 -10.56 -9.41
N GLN F 140 -3.53 -10.61 -9.43
CA GLN F 140 -2.70 -9.44 -9.68
C GLN F 140 -1.35 -9.90 -10.20
N SER F 141 -1.01 -9.54 -11.42
CA SER F 141 0.14 -10.17 -12.08
C SER F 141 1.19 -9.21 -12.65
N SER F 142 2.46 -9.63 -12.53
CA SER F 142 3.61 -8.88 -13.02
C SER F 142 4.34 -9.68 -14.09
N PHE F 143 5.11 -8.99 -14.93
CA PHE F 143 5.79 -9.62 -16.05
C PHE F 143 7.30 -9.42 -15.97
N VAL F 144 8.06 -10.45 -16.35
CA VAL F 144 9.52 -10.38 -16.36
C VAL F 144 10.02 -9.56 -17.56
N LEU F 145 10.64 -8.43 -17.25
CA LEU F 145 11.30 -7.61 -18.27
C LEU F 145 12.66 -8.18 -18.67
N LYS F 146 13.40 -8.74 -17.70
CA LYS F 146 14.76 -9.22 -17.94
C LYS F 146 15.21 -10.29 -16.93
N GLU F 147 15.74 -11.39 -17.46
CA GLU F 147 16.18 -12.52 -16.64
C GLU F 147 17.62 -12.29 -16.18
N ILE F 148 17.77 -11.83 -14.95
CA ILE F 148 19.10 -11.57 -14.39
C ILE F 148 19.85 -12.87 -14.14
N LYS F 149 19.14 -13.87 -13.64
CA LYS F 149 19.77 -15.13 -13.30
C LYS F 149 18.71 -16.21 -13.12
N HIS F 150 19.00 -17.41 -13.62
CA HIS F 150 18.06 -18.50 -13.50
C HIS F 150 18.75 -19.85 -13.57
N THR F 151 18.82 -20.53 -12.43
CA THR F 151 19.41 -21.86 -12.34
C THR F 151 18.49 -22.75 -11.51
N THR F 152 18.58 -24.06 -11.74
CA THR F 152 17.83 -25.05 -10.96
C THR F 152 18.69 -25.62 -9.84
N SER F 153 19.99 -25.29 -9.86
CA SER F 153 20.99 -25.87 -8.96
C SER F 153 20.95 -25.29 -7.54
N LEU F 154 20.59 -26.12 -6.56
CA LEU F 154 20.59 -25.70 -5.16
C LEU F 154 22.01 -25.55 -4.62
N PRO F 155 22.21 -24.69 -3.61
CA PRO F 155 23.50 -24.56 -2.95
C PRO F 155 23.79 -25.76 -2.08
N LEU F 156 25.06 -26.12 -1.93
CA LEU F 156 25.41 -27.32 -1.17
C LEU F 156 26.60 -27.18 -0.23
N ASN F 157 27.21 -25.99 -0.18
CA ASN F 157 28.38 -25.78 0.69
C ASN F 157 28.04 -25.92 2.17
N HIS F 158 26.76 -25.70 2.49
CA HIS F 158 26.28 -25.84 3.85
C HIS F 158 26.23 -27.28 4.37
N LEU F 159 26.80 -28.23 3.62
CA LEU F 159 26.95 -29.60 4.10
C LEU F 159 28.43 -29.99 4.30
N LEU F 160 29.33 -29.08 3.96
CA LEU F 160 30.78 -29.33 4.02
C LEU F 160 31.33 -29.06 5.42
N PRO G 4 17.51 -29.69 23.54
CA PRO G 4 16.52 -29.74 24.61
C PRO G 4 15.84 -31.09 24.89
N GLN G 5 16.08 -32.10 24.05
CA GLN G 5 15.60 -33.45 24.35
C GLN G 5 16.69 -34.32 25.01
N LEU G 6 17.94 -33.88 24.90
CA LEU G 6 19.07 -34.61 25.46
C LEU G 6 19.26 -34.36 26.95
N THR G 7 19.03 -33.13 27.40
CA THR G 7 19.23 -32.76 28.81
C THR G 7 17.93 -32.53 29.59
N LEU G 8 16.78 -32.49 28.92
CA LEU G 8 15.49 -32.24 29.58
C LEU G 8 14.54 -33.44 29.62
N ASP G 9 14.03 -33.71 30.82
CA ASP G 9 13.05 -34.77 31.06
C ASP G 9 11.81 -34.18 31.74
N LYS G 10 10.73 -34.96 31.76
CA LYS G 10 9.44 -34.53 32.32
C LYS G 10 9.50 -33.45 33.38
N THR G 11 10.14 -33.77 34.50
CA THR G 11 10.14 -32.88 35.65
C THR G 11 10.83 -31.54 35.31
N ASP G 12 11.97 -31.61 34.62
CA ASP G 12 12.69 -30.40 34.19
C ASP G 12 11.81 -29.44 33.39
N ILE G 13 10.89 -30.01 32.63
CA ILE G 13 9.93 -29.23 31.84
C ILE G 13 8.74 -28.75 32.66
N LYS G 14 8.43 -29.46 33.75
CA LYS G 14 7.40 -29.03 34.69
C LYS G 14 7.94 -27.90 35.56
N ILE G 15 9.26 -27.88 35.77
CA ILE G 15 9.92 -26.80 36.52
C ILE G 15 9.74 -25.48 35.81
N LEU G 16 10.04 -25.48 34.53
CA LEU G 16 10.07 -24.26 33.72
C LEU G 16 8.68 -23.72 33.45
N GLN G 17 7.70 -24.62 33.33
CA GLN G 17 6.30 -24.23 33.24
C GLN G 17 5.87 -23.50 34.52
N VAL G 18 6.12 -24.14 35.66
CA VAL G 18 5.71 -23.58 36.95
C VAL G 18 6.46 -22.29 37.29
N LEU G 19 7.73 -22.21 36.96
CA LEU G 19 8.53 -21.00 37.22
C LEU G 19 8.17 -19.81 36.31
N GLN G 20 7.88 -20.10 35.05
CA GLN G 20 7.45 -19.05 34.12
C GLN G 20 6.24 -18.27 34.63
N GLU G 21 5.38 -18.92 35.42
CA GLU G 21 4.16 -18.29 35.97
C GLU G 21 4.32 -17.78 37.42
N ASN G 22 5.15 -18.46 38.22
CA ASN G 22 5.37 -18.08 39.61
C ASN G 22 6.86 -18.01 39.88
N GLY G 23 7.48 -16.94 39.39
CA GLY G 23 8.93 -16.84 39.34
C GLY G 23 9.67 -16.46 40.62
N ARG G 24 8.95 -16.11 41.68
CA ARG G 24 9.61 -15.67 42.92
C ARG G 24 9.23 -16.55 44.12
N LEU G 25 9.59 -17.83 44.03
CA LEU G 25 9.37 -18.77 45.13
C LEU G 25 10.67 -19.02 45.91
N THR G 26 10.84 -20.26 46.37
CA THR G 26 12.07 -20.75 46.97
C THR G 26 12.19 -22.21 46.55
N ASN G 27 13.41 -22.75 46.52
CA ASN G 27 13.61 -24.11 46.01
C ASN G 27 12.62 -25.09 46.64
N VAL G 28 12.30 -24.86 47.92
CA VAL G 28 11.36 -25.70 48.65
C VAL G 28 9.94 -25.52 48.10
N GLU G 29 9.53 -24.27 47.99
CA GLU G 29 8.20 -23.88 47.53
C GLU G 29 7.88 -24.50 46.16
N LEU G 30 8.77 -24.25 45.21
CA LEU G 30 8.69 -24.81 43.85
C LEU G 30 8.70 -26.34 43.86
N SER G 31 9.70 -26.90 44.55
CA SER G 31 9.85 -28.35 44.70
C SER G 31 8.62 -28.96 45.35
N GLU G 32 8.00 -28.17 46.23
CA GLU G 32 6.74 -28.56 46.87
C GLU G 32 5.59 -28.56 45.86
N ARG G 33 5.90 -28.34 44.58
CA ARG G 33 4.89 -28.29 43.54
C ARG G 33 5.28 -29.09 42.28
N VAL G 34 6.50 -29.62 42.23
CA VAL G 34 6.93 -30.46 41.12
C VAL G 34 7.09 -31.93 41.56
N ALA G 35 6.91 -32.18 42.87
CA ALA G 35 7.11 -33.51 43.45
C ALA G 35 8.60 -33.89 43.51
N LEU G 36 9.34 -33.22 44.39
CA LEU G 36 10.78 -33.45 44.53
C LEU G 36 11.22 -33.15 45.97
N SER G 37 12.48 -32.76 46.16
CA SER G 37 12.96 -32.36 47.48
C SER G 37 13.84 -31.10 47.38
N PRO G 38 13.98 -30.36 48.50
CA PRO G 38 14.77 -29.12 48.54
C PRO G 38 16.25 -29.19 48.11
N SER G 39 16.79 -30.39 47.90
CA SER G 39 18.15 -30.54 47.38
C SER G 39 18.24 -31.02 45.92
N PRO G 40 17.49 -32.06 45.54
CA PRO G 40 17.50 -32.48 44.13
C PRO G 40 16.84 -31.48 43.17
N CYS G 41 15.77 -30.83 43.63
CA CYS G 41 15.10 -29.81 42.83
C CYS G 41 16.06 -28.67 42.50
N LEU G 42 16.81 -28.23 43.50
CA LEU G 42 17.82 -27.20 43.29
C LEU G 42 18.82 -27.60 42.22
N ARG G 43 19.24 -28.87 42.22
CA ARG G 43 20.22 -29.38 41.25
C ARG G 43 19.77 -29.02 39.84
N ARG G 44 18.60 -29.52 39.46
CA ARG G 44 18.06 -29.30 38.11
C ARG G 44 17.77 -27.82 37.85
N LEU G 45 17.31 -27.11 38.88
CA LEU G 45 17.03 -25.69 38.77
C LEU G 45 18.31 -24.85 38.59
N LYS G 46 19.37 -25.21 39.30
CA LYS G 46 20.65 -24.50 39.22
C LYS G 46 21.38 -24.77 37.90
N GLN G 47 20.83 -25.68 37.10
CA GLN G 47 21.41 -26.03 35.81
C GLN G 47 20.68 -25.36 34.65
N LEU G 48 19.36 -25.22 34.77
CA LEU G 48 18.57 -24.54 33.75
C LEU G 48 19.08 -23.10 33.60
N GLU G 49 19.13 -22.37 34.71
CA GLU G 49 19.60 -20.98 34.71
C GLU G 49 21.12 -20.86 34.67
N ASP G 50 21.81 -21.98 34.77
CA ASP G 50 23.25 -22.03 34.59
C ASP G 50 23.59 -22.23 33.12
N ALA G 51 22.79 -23.03 32.44
CA ALA G 51 23.05 -23.40 31.04
C ALA G 51 22.25 -22.59 30.02
N GLY G 52 21.68 -21.44 30.43
CA GLY G 52 21.08 -20.49 29.47
C GLY G 52 19.57 -20.48 29.34
N ILE G 53 18.89 -21.50 29.87
CA ILE G 53 17.43 -21.63 29.75
C ILE G 53 16.69 -20.48 30.41
N VAL G 54 16.88 -20.30 31.71
CA VAL G 54 16.22 -19.24 32.44
C VAL G 54 17.16 -18.05 32.47
N ARG G 55 16.91 -17.13 31.54
CA ARG G 55 17.79 -15.96 31.32
C ARG G 55 17.57 -14.86 32.34
N GLN G 56 16.39 -14.83 32.96
CA GLN G 56 16.05 -13.75 33.89
C GLN G 56 14.79 -14.05 34.69
N TYR G 57 14.81 -13.64 35.96
CA TYR G 57 13.61 -13.61 36.79
C TYR G 57 13.27 -12.14 36.92
N ALA G 58 12.00 -11.80 36.70
CA ALA G 58 11.57 -10.40 36.74
C ALA G 58 10.18 -10.22 37.33
N ALA G 59 9.96 -9.01 37.85
CA ALA G 59 8.65 -8.57 38.27
C ALA G 59 7.97 -7.93 37.06
N LEU G 60 6.71 -8.29 36.82
CA LEU G 60 5.94 -7.70 35.72
C LEU G 60 4.91 -6.74 36.28
N LEU G 61 5.02 -5.47 35.90
CA LEU G 61 4.10 -4.45 36.41
C LEU G 61 2.93 -4.15 35.46
N SER G 62 1.87 -3.58 36.03
CA SER G 62 0.67 -3.22 35.27
C SER G 62 0.81 -1.80 34.72
N PRO G 63 0.97 -1.66 33.40
CA PRO G 63 1.24 -0.36 32.77
C PRO G 63 0.32 0.77 33.24
N GLU G 64 -0.99 0.51 33.25
CA GLU G 64 -1.96 1.52 33.66
C GLU G 64 -1.73 1.89 35.12
N SER G 65 -1.41 0.88 35.93
CA SER G 65 -1.10 1.09 37.35
C SER G 65 -0.09 2.21 37.54
N VAL G 66 0.94 2.24 36.70
CA VAL G 66 2.00 3.25 36.81
C VAL G 66 1.80 4.37 35.80
N ASN G 67 0.54 4.66 35.48
CA ASN G 67 0.18 5.79 34.61
C ASN G 67 0.60 5.63 33.14
N LEU G 68 0.98 4.41 32.75
CA LEU G 68 1.33 4.13 31.36
C LEU G 68 0.13 3.54 30.65
N GLY G 69 -0.65 4.39 29.98
CA GLY G 69 -1.92 3.96 29.39
C GLY G 69 -1.94 3.97 27.88
N LEU G 70 -0.78 4.14 27.26
CA LEU G 70 -0.71 4.22 25.81
C LEU G 70 0.42 3.35 25.28
N GLN G 71 0.07 2.14 24.85
CA GLN G 71 1.04 1.22 24.29
C GLN G 71 1.06 1.39 22.78
N ALA G 72 2.25 1.63 22.22
CA ALA G 72 2.39 1.95 20.81
C ALA G 72 3.26 0.95 20.08
N PHE G 73 2.91 0.63 18.84
CA PHE G 73 3.71 -0.24 18.02
C PHE G 73 4.19 0.53 16.79
N ILE G 74 5.41 1.06 16.89
CA ILE G 74 6.00 1.90 15.85
C ILE G 74 6.78 1.05 14.87
N ARG G 75 6.57 1.32 13.58
CA ARG G 75 7.34 0.73 12.49
C ARG G 75 8.33 1.75 11.93
N VAL G 76 9.62 1.51 12.14
CA VAL G 76 10.64 2.44 11.69
C VAL G 76 11.41 1.89 10.50
N SER G 77 11.75 2.77 9.58
CA SER G 77 12.61 2.43 8.46
C SER G 77 13.93 3.12 8.68
N ILE G 78 14.99 2.33 8.73
CA ILE G 78 16.32 2.86 8.92
C ILE G 78 16.84 3.36 7.59
N ARG G 79 17.88 4.20 7.62
CA ARG G 79 18.45 4.75 6.39
C ARG G 79 19.61 3.89 5.88
N LYS G 80 19.85 3.97 4.57
CA LYS G 80 20.94 3.23 3.92
C LYS G 80 22.24 4.05 3.98
N ALA G 81 22.70 4.32 5.20
CA ALA G 81 23.99 4.97 5.40
C ALA G 81 25.03 3.86 5.50
N LYS G 82 25.64 3.67 6.66
CA LYS G 82 26.55 2.56 6.90
C LYS G 82 26.21 1.88 8.22
N ASP G 83 26.66 2.50 9.31
CA ASP G 83 26.37 2.02 10.63
C ASP G 83 25.05 2.60 11.12
N ALA G 84 24.26 3.17 10.20
CA ALA G 84 22.91 3.63 10.51
C ALA G 84 22.20 2.61 11.39
N ARG G 85 22.46 1.34 11.09
CA ARG G 85 21.84 0.23 11.77
C ARG G 85 22.47 0.00 13.16
N GLU G 86 23.76 0.29 13.28
CA GLU G 86 24.44 0.22 14.57
C GLU G 86 23.99 1.34 15.50
N ASP G 87 24.18 2.57 15.05
CA ASP G 87 23.88 3.72 15.87
C ASP G 87 22.43 3.74 16.33
N PHE G 88 21.51 3.36 15.45
CA PHE G 88 20.10 3.25 15.82
C PHE G 88 19.92 2.19 16.92
N ALA G 89 20.44 1.00 16.66
CA ALA G 89 20.35 -0.10 17.62
C ALA G 89 20.88 0.37 18.98
N ALA G 90 22.08 0.96 18.98
CA ALA G 90 22.70 1.48 20.21
C ALA G 90 21.79 2.47 20.95
N SER G 91 21.07 3.30 20.19
CA SER G 91 20.25 4.36 20.78
C SER G 91 18.93 3.85 21.31
N VAL G 92 18.35 2.86 20.62
CA VAL G 92 17.08 2.25 21.04
C VAL G 92 17.23 1.64 22.42
N ARG G 93 18.38 1.01 22.66
CA ARG G 93 18.67 0.40 23.96
C ARG G 93 18.76 1.43 25.10
N LYS G 94 19.06 2.68 24.74
CA LYS G 94 19.14 3.78 25.70
C LYS G 94 17.80 4.45 25.98
N TRP G 95 16.77 4.10 25.22
CA TRP G 95 15.43 4.67 25.44
C TRP G 95 14.59 3.75 26.33
N PRO G 96 14.33 4.18 27.57
CA PRO G 96 13.55 3.39 28.52
C PRO G 96 12.09 3.21 28.10
N GLU G 97 11.58 4.19 27.36
CA GLU G 97 10.21 4.12 26.87
C GLU G 97 10.02 2.98 25.88
N VAL G 98 11.09 2.61 25.17
CA VAL G 98 11.04 1.51 24.19
C VAL G 98 11.45 0.19 24.85
N LEU G 99 10.46 -0.66 25.13
CA LEU G 99 10.71 -1.96 25.76
C LEU G 99 11.39 -2.97 24.82
N SER G 100 10.81 -3.18 23.63
CA SER G 100 11.38 -4.10 22.65
C SER G 100 11.60 -3.47 21.28
N CYS G 101 12.52 -4.06 20.53
CA CYS G 101 12.86 -3.61 19.17
C CYS G 101 13.35 -4.82 18.37
N PHE G 102 12.80 -5.00 17.18
CA PHE G 102 13.03 -6.20 16.37
C PHE G 102 13.25 -5.81 14.92
N ALA G 103 14.19 -6.48 14.26
CA ALA G 103 14.39 -6.32 12.82
C ALA G 103 13.56 -7.39 12.11
N LEU G 104 12.39 -6.99 11.59
CA LEU G 104 11.41 -7.92 11.06
C LEU G 104 11.57 -8.08 9.56
N THR G 105 10.90 -9.10 9.03
CA THR G 105 10.77 -9.25 7.59
C THR G 105 9.57 -8.42 7.16
N GLY G 106 9.41 -8.24 5.86
CA GLY G 106 8.31 -7.47 5.30
C GLY G 106 8.68 -6.03 4.97
N GLU G 107 7.65 -5.21 4.73
CA GLU G 107 7.82 -3.82 4.37
C GLU G 107 8.51 -3.04 5.47
N THR G 108 8.30 -3.45 6.71
CA THR G 108 8.90 -2.78 7.86
C THR G 108 10.31 -3.29 8.11
N ASP G 109 11.23 -2.37 8.37
CA ASP G 109 12.61 -2.73 8.75
C ASP G 109 12.70 -3.09 10.22
N TYR G 110 12.21 -2.21 11.09
CA TYR G 110 12.22 -2.42 12.54
C TYR G 110 10.83 -2.19 13.12
N LEU G 111 10.50 -2.93 14.17
CA LEU G 111 9.24 -2.78 14.89
C LEU G 111 9.53 -2.56 16.38
N LEU G 112 9.08 -1.43 16.92
CA LEU G 112 9.33 -1.09 18.32
C LEU G 112 8.05 -1.20 19.10
N GLN G 113 8.12 -1.76 20.30
CA GLN G 113 6.99 -1.77 21.21
C GLN G 113 7.35 -0.89 22.39
N ALA G 114 6.58 0.17 22.61
CA ALA G 114 6.90 1.15 23.63
C ALA G 114 5.66 1.56 24.42
N PHE G 115 5.90 2.09 25.62
CA PHE G 115 4.85 2.62 26.47
C PHE G 115 5.04 4.09 26.78
N PHE G 116 3.93 4.82 26.91
CA PHE G 116 3.97 6.23 27.26
C PHE G 116 2.80 6.59 28.15
N THR G 117 2.84 7.80 28.68
CA THR G 117 1.81 8.26 29.60
C THR G 117 0.53 8.62 28.86
N ASP G 118 0.69 9.41 27.81
CA ASP G 118 -0.42 9.90 27.02
C ASP G 118 0.11 10.27 25.63
N ASN G 120 0.51 13.03 24.18
CA ASN G 120 1.47 14.12 24.17
C ASN G 120 2.85 13.56 24.36
N ALA G 121 3.06 12.85 25.44
CA ALA G 121 4.33 12.17 25.69
C ALA G 121 4.82 11.55 24.39
N PHE G 122 3.94 10.80 23.72
CA PHE G 122 4.29 10.11 22.48
C PHE G 122 4.72 11.08 21.39
N SER G 123 3.97 12.15 21.23
CA SER G 123 4.27 13.16 20.24
C SER G 123 5.71 13.65 20.41
N HIS G 124 6.04 14.01 21.65
CA HIS G 124 7.34 14.55 21.97
C HIS G 124 8.40 13.50 21.72
N PHE G 125 8.10 12.25 22.05
CA PHE G 125 9.06 11.20 21.83
C PHE G 125 9.38 11.01 20.35
N VAL G 126 8.34 10.92 19.53
CA VAL G 126 8.54 10.67 18.10
C VAL G 126 9.21 11.87 17.44
N LEU G 127 8.63 13.04 17.65
CA LEU G 127 9.13 14.25 17.01
C LEU G 127 10.53 14.63 17.50
N ASP G 128 10.76 14.54 18.81
CA ASP G 128 12.00 15.04 19.41
C ASP G 128 13.11 14.01 19.54
N THR G 129 12.77 12.72 19.52
CA THR G 129 13.80 11.67 19.61
C THR G 129 13.86 10.73 18.41
N LEU G 130 12.83 9.93 18.22
CA LEU G 130 12.85 8.91 17.18
C LEU G 130 13.28 9.51 15.85
N LEU G 131 12.56 10.56 15.43
CA LEU G 131 12.74 11.16 14.12
C LEU G 131 14.00 12.05 14.05
N SER G 132 14.37 12.63 15.19
CA SER G 132 15.55 13.49 15.24
C SER G 132 16.85 12.71 15.06
N HIS G 133 16.84 11.43 15.44
CA HIS G 133 17.98 10.53 15.24
C HIS G 133 18.30 10.48 13.74
N HIS G 134 19.59 10.56 13.40
CA HIS G 134 20.04 10.66 12.00
C HIS G 134 19.71 9.44 11.13
N GLY G 135 19.76 8.25 11.72
CA GLY G 135 19.45 7.01 11.01
C GLY G 135 17.99 6.79 10.65
N VAL G 136 17.07 7.28 11.49
CA VAL G 136 15.65 7.07 11.23
C VAL G 136 15.22 7.83 9.99
N GLN G 137 14.77 7.10 8.98
CA GLN G 137 14.34 7.64 7.70
C GLN G 137 12.83 7.93 7.70
N ASP G 138 12.05 7.03 8.30
CA ASP G 138 10.60 7.18 8.39
C ASP G 138 10.08 6.30 9.53
N ALA G 139 8.96 6.73 10.12
CA ALA G 139 8.31 6.00 11.20
C ALA G 139 6.80 6.04 10.99
N GLN G 140 6.13 4.95 11.31
CA GLN G 140 4.66 4.91 11.29
C GLN G 140 4.17 4.05 12.43
N SER G 141 3.27 4.60 13.24
CA SER G 141 2.96 3.99 14.50
C SER G 141 1.46 3.78 14.72
N SER G 142 1.12 2.62 15.27
CA SER G 142 -0.25 2.30 15.63
C SER G 142 -0.25 2.07 17.12
N PHE G 143 -1.45 2.08 17.70
CA PHE G 143 -1.59 1.98 19.15
C PHE G 143 -2.52 0.85 19.53
N VAL G 144 -2.33 0.36 20.74
CA VAL G 144 -3.10 -0.75 21.25
C VAL G 144 -4.46 -0.26 21.78
N LEU G 145 -5.54 -0.73 21.17
CA LEU G 145 -6.90 -0.40 21.60
C LEU G 145 -7.43 -1.35 22.69
N LYS G 146 -7.04 -2.62 22.61
CA LYS G 146 -7.49 -3.65 23.55
C LYS G 146 -6.53 -4.83 23.56
N GLU G 147 -6.02 -5.16 24.75
CA GLU G 147 -5.09 -6.27 24.92
C GLU G 147 -5.87 -7.59 25.14
N ILE G 148 -5.93 -8.41 24.09
CA ILE G 148 -6.65 -9.68 24.13
C ILE G 148 -5.93 -10.73 24.98
N LYS G 149 -4.60 -10.76 24.92
CA LYS G 149 -3.81 -11.74 25.65
C LYS G 149 -2.35 -11.30 25.70
N HIS G 150 -1.73 -11.44 26.87
CA HIS G 150 -0.33 -11.11 27.01
C HIS G 150 0.36 -11.88 28.13
N THR G 151 1.22 -12.81 27.72
CA THR G 151 1.98 -13.63 28.64
C THR G 151 3.45 -13.70 28.20
N THR G 152 4.35 -13.77 29.19
CA THR G 152 5.80 -13.90 28.93
C THR G 152 6.21 -15.36 28.83
N SER G 153 5.30 -16.26 29.21
CA SER G 153 5.60 -17.69 29.26
C SER G 153 5.59 -18.31 27.87
N LEU G 154 6.67 -18.99 27.53
CA LEU G 154 6.80 -19.71 26.26
C LEU G 154 6.09 -21.05 26.35
N PRO G 155 5.71 -21.62 25.19
CA PRO G 155 5.18 -22.97 25.13
C PRO G 155 6.31 -23.99 25.15
N LEU G 156 6.13 -25.08 25.89
CA LEU G 156 7.18 -26.10 26.04
C LEU G 156 6.79 -27.52 25.60
N ASN G 157 5.53 -27.73 25.23
CA ASN G 157 5.01 -29.06 24.90
C ASN G 157 5.72 -29.73 23.72
N HIS G 158 6.47 -28.94 22.95
CA HIS G 158 7.28 -29.46 21.85
C HIS G 158 8.58 -30.14 22.32
N LEU G 159 8.84 -30.13 23.62
CA LEU G 159 10.03 -30.79 24.18
C LEU G 159 9.69 -32.15 24.82
N LEU G 160 8.41 -32.50 24.83
CA LEU G 160 7.92 -33.77 25.42
C LEU G 160 7.98 -34.93 24.39
N THR H 7 -0.52 6.57 46.56
CA THR H 7 0.42 7.27 45.62
C THR H 7 1.88 6.89 45.91
N LEU H 8 2.64 6.69 44.84
CA LEU H 8 4.00 6.20 44.92
C LEU H 8 4.97 7.35 45.12
N ASP H 9 5.89 7.17 46.08
CA ASP H 9 6.94 8.13 46.35
C ASP H 9 8.28 7.62 45.81
N LYS H 10 9.27 8.51 45.71
CA LYS H 10 10.56 8.19 45.09
C LYS H 10 11.10 6.81 45.50
N THR H 11 10.86 6.42 46.75
CA THR H 11 11.35 5.15 47.28
C THR H 11 10.64 3.95 46.69
N ASP H 12 9.30 4.02 46.59
CA ASP H 12 8.52 2.98 45.94
C ASP H 12 8.97 2.75 44.50
N ILE H 13 9.26 3.87 43.82
CA ILE H 13 9.74 3.84 42.44
C ILE H 13 11.05 3.07 42.33
N LYS H 14 11.95 3.26 43.29
CA LYS H 14 13.22 2.55 43.28
C LYS H 14 13.03 1.05 43.49
N ILE H 15 12.03 0.68 44.30
CA ILE H 15 11.69 -0.74 44.54
C ILE H 15 11.31 -1.44 43.25
N LEU H 16 10.32 -0.86 42.57
CA LEU H 16 9.78 -1.45 41.35
C LEU H 16 10.84 -1.59 40.26
N GLN H 17 11.71 -0.59 40.15
CA GLN H 17 12.81 -0.65 39.18
C GLN H 17 13.79 -1.78 39.48
N VAL H 18 14.17 -1.92 40.73
CA VAL H 18 15.01 -3.01 41.17
C VAL H 18 14.33 -4.37 40.93
N LEU H 19 13.06 -4.50 41.30
CA LEU H 19 12.36 -5.78 41.18
C LEU H 19 12.04 -6.19 39.73
N GLN H 20 11.75 -5.22 38.86
CA GLN H 20 11.53 -5.53 37.43
C GLN H 20 12.74 -6.19 36.78
N GLU H 21 13.93 -5.87 37.28
CA GLU H 21 15.20 -6.43 36.77
C GLU H 21 15.63 -7.73 37.44
N ASN H 22 15.41 -7.83 38.75
CA ASN H 22 15.61 -9.07 39.45
C ASN H 22 14.40 -9.37 40.31
N GLY H 23 13.43 -10.05 39.71
CA GLY H 23 12.20 -10.41 40.40
C GLY H 23 12.40 -11.47 41.45
N ARG H 24 13.63 -11.96 41.61
CA ARG H 24 13.97 -12.97 42.61
C ARG H 24 14.83 -12.39 43.76
N LEU H 25 15.00 -11.07 43.77
CA LEU H 25 15.87 -10.37 44.73
C LEU H 25 15.40 -10.57 46.17
N THR H 26 16.34 -10.67 47.12
CA THR H 26 16.02 -10.87 48.55
C THR H 26 15.64 -9.56 49.26
N ASN H 27 14.75 -9.67 50.25
CA ASN H 27 14.33 -8.53 51.08
C ASN H 27 15.51 -7.72 51.63
N VAL H 28 16.64 -8.40 51.84
CA VAL H 28 17.86 -7.75 52.36
C VAL H 28 18.55 -6.89 51.31
N GLU H 29 18.92 -7.52 50.18
CA GLU H 29 19.56 -6.78 49.11
C GLU H 29 18.63 -5.67 48.62
N LEU H 30 17.33 -5.95 48.67
CA LEU H 30 16.32 -4.94 48.37
C LEU H 30 16.36 -3.84 49.43
N SER H 31 16.52 -4.24 50.69
CA SER H 31 16.71 -3.28 51.78
C SER H 31 17.91 -2.39 51.50
N GLU H 32 18.94 -2.97 50.87
CA GLU H 32 20.13 -2.21 50.49
C GLU H 32 19.90 -1.29 49.31
N ARG H 33 19.53 -1.88 48.17
CA ARG H 33 19.45 -1.14 46.91
C ARG H 33 18.53 0.07 46.98
N VAL H 34 17.61 0.06 47.92
CA VAL H 34 16.65 1.14 48.10
C VAL H 34 16.92 1.98 49.37
N ALA H 35 18.03 1.73 50.05
CA ALA H 35 18.40 2.49 51.25
C ALA H 35 17.26 2.54 52.27
N LEU H 36 17.02 1.40 52.91
CA LEU H 36 15.93 1.24 53.87
C LEU H 36 16.27 0.18 54.90
N SER H 37 15.32 -0.07 55.81
CA SER H 37 15.41 -1.20 56.73
C SER H 37 14.52 -2.30 56.16
N PRO H 38 14.91 -3.58 56.34
CA PRO H 38 14.10 -4.71 55.89
C PRO H 38 12.69 -4.82 56.46
N SER H 39 12.46 -4.27 57.65
CA SER H 39 11.14 -4.29 58.29
C SER H 39 10.13 -3.44 57.54
N PRO H 40 10.38 -2.11 57.43
CA PRO H 40 9.48 -1.25 56.66
C PRO H 40 9.47 -1.58 55.15
N CYS H 41 10.66 -1.67 54.56
CA CYS H 41 10.83 -1.97 53.13
C CYS H 41 9.91 -3.09 52.62
N LEU H 42 9.82 -4.18 53.37
CA LEU H 42 8.92 -5.28 53.02
C LEU H 42 7.46 -4.82 52.91
N ARG H 43 7.03 -3.98 53.85
CA ARG H 43 5.67 -3.47 53.81
C ARG H 43 5.40 -2.75 52.48
N ARG H 44 6.31 -1.88 52.08
CA ARG H 44 6.19 -1.15 50.79
C ARG H 44 5.90 -2.10 49.63
N LEU H 45 6.71 -3.15 49.53
CA LEU H 45 6.52 -4.17 48.50
C LEU H 45 5.18 -4.85 48.68
N LYS H 46 4.92 -5.36 49.88
CA LYS H 46 3.64 -5.99 50.15
C LYS H 46 2.53 -5.05 49.73
N GLN H 47 2.60 -3.79 50.18
CA GLN H 47 1.65 -2.76 49.79
C GLN H 47 1.48 -2.64 48.26
N LEU H 48 2.51 -2.99 47.51
CA LEU H 48 2.44 -2.98 46.04
C LEU H 48 1.73 -4.21 45.49
N GLU H 49 2.29 -5.40 45.74
CA GLU H 49 1.68 -6.67 45.30
C GLU H 49 0.21 -6.65 45.66
N ASP H 50 -0.05 -6.37 46.93
CA ASP H 50 -1.39 -6.39 47.49
C ASP H 50 -2.31 -5.40 46.78
N ALA H 51 -1.81 -4.18 46.51
CA ALA H 51 -2.57 -3.17 45.77
C ALA H 51 -2.85 -3.66 44.35
N GLY H 52 -1.80 -3.79 43.54
CA GLY H 52 -1.94 -4.29 42.16
C GLY H 52 -0.99 -3.70 41.14
N ILE H 53 0.08 -3.08 41.61
CA ILE H 53 1.09 -2.53 40.74
C ILE H 53 1.89 -3.67 40.16
N VAL H 54 2.26 -4.61 41.02
CA VAL H 54 2.99 -5.79 40.60
C VAL H 54 1.99 -6.90 40.29
N ARG H 55 1.71 -7.09 39.00
CA ARG H 55 0.70 -8.06 38.55
C ARG H 55 1.19 -9.52 38.50
N GLN H 56 2.51 -9.72 38.44
CA GLN H 56 3.07 -11.07 38.38
C GLN H 56 4.61 -11.06 38.47
N TYR H 57 5.16 -12.12 39.04
CA TYR H 57 6.59 -12.41 38.96
C TYR H 57 6.73 -13.61 38.06
N ALA H 58 7.68 -13.55 37.12
CA ALA H 58 7.82 -14.58 36.10
C ALA H 58 9.27 -14.95 35.84
N ALA H 59 9.48 -16.21 35.48
CA ALA H 59 10.75 -16.67 34.95
C ALA H 59 10.71 -16.39 33.47
N LEU H 60 11.73 -15.72 32.96
CA LEU H 60 11.86 -15.46 31.52
C LEU H 60 12.87 -16.45 30.94
N LEU H 61 12.45 -17.18 29.92
CA LEU H 61 13.32 -18.17 29.27
C LEU H 61 13.87 -17.64 27.95
N SER H 62 14.91 -18.30 27.44
CA SER H 62 15.53 -17.89 26.18
C SER H 62 15.10 -18.81 25.04
N PRO H 63 14.26 -18.30 24.12
CA PRO H 63 13.57 -19.04 23.06
C PRO H 63 14.43 -20.09 22.37
N GLU H 64 15.59 -19.64 21.88
CA GLU H 64 16.54 -20.52 21.23
C GLU H 64 16.78 -21.74 22.13
N SER H 65 17.08 -21.46 23.39
CA SER H 65 17.41 -22.48 24.36
C SER H 65 16.45 -23.64 24.29
N VAL H 66 15.17 -23.34 24.11
CA VAL H 66 14.17 -24.38 24.10
C VAL H 66 13.68 -24.66 22.67
N ASN H 67 14.56 -24.47 21.70
CA ASN H 67 14.30 -24.80 20.28
C ASN H 67 13.26 -23.94 19.53
N LEU H 68 12.83 -22.83 20.13
CA LEU H 68 11.91 -21.88 19.48
C LEU H 68 12.70 -20.80 18.71
N GLY H 69 13.30 -21.21 17.59
CA GLY H 69 14.15 -20.31 16.81
C GLY H 69 13.35 -19.33 15.97
N LEU H 70 12.09 -19.66 15.69
CA LEU H 70 11.23 -18.84 14.81
C LEU H 70 10.24 -18.02 15.64
N GLN H 71 10.46 -16.70 15.70
CA GLN H 71 9.56 -15.78 16.41
C GLN H 71 8.77 -15.01 15.38
N ALA H 72 7.44 -15.10 15.48
CA ALA H 72 6.54 -14.56 14.46
C ALA H 72 5.68 -13.43 14.97
N PHE H 73 5.33 -12.54 14.04
CA PHE H 73 4.40 -11.45 14.25
C PHE H 73 3.37 -11.57 13.14
N ILE H 74 2.14 -11.91 13.53
CA ILE H 74 1.07 -12.15 12.57
C ILE H 74 0.07 -11.02 12.64
N ARG H 75 -0.28 -10.48 11.48
CA ARG H 75 -1.21 -9.36 11.37
C ARG H 75 -2.54 -9.88 10.83
N VAL H 76 -3.43 -10.27 11.74
CA VAL H 76 -4.74 -10.83 11.38
C VAL H 76 -5.75 -9.76 10.95
N SER H 77 -6.83 -10.22 10.31
CA SER H 77 -8.01 -9.39 10.04
C SER H 77 -9.24 -10.18 10.38
N ILE H 78 -9.98 -9.72 11.37
CA ILE H 78 -11.15 -10.45 11.85
C ILE H 78 -12.31 -10.12 10.93
N ARG H 79 -13.26 -11.06 10.83
CA ARG H 79 -14.51 -10.81 10.11
C ARG H 79 -15.34 -9.77 10.85
N LYS H 80 -16.30 -9.20 10.14
CA LYS H 80 -17.18 -8.17 10.69
C LYS H 80 -18.38 -8.85 11.35
N ALA H 81 -18.12 -9.86 12.18
CA ALA H 81 -19.19 -10.66 12.77
C ALA H 81 -19.45 -10.20 14.20
N LYS H 82 -20.72 -10.28 14.59
CA LYS H 82 -21.17 -9.92 15.94
C LYS H 82 -20.29 -10.55 17.01
N ASP H 83 -19.94 -11.81 16.80
CA ASP H 83 -19.17 -12.57 17.77
C ASP H 83 -17.87 -13.14 17.19
N ALA H 84 -17.52 -12.75 15.96
CA ALA H 84 -16.21 -13.11 15.42
C ALA H 84 -15.11 -12.59 16.34
N ARG H 85 -15.33 -11.39 16.87
CA ARG H 85 -14.40 -10.80 17.83
C ARG H 85 -14.26 -11.64 19.09
N GLU H 86 -15.37 -12.15 19.61
CA GLU H 86 -15.36 -12.96 20.83
C GLU H 86 -14.69 -14.32 20.62
N ASP H 87 -15.20 -15.07 19.66
CA ASP H 87 -14.72 -16.42 19.36
C ASP H 87 -13.21 -16.45 19.15
N PHE H 88 -12.74 -15.60 18.23
CA PHE H 88 -11.31 -15.51 17.94
C PHE H 88 -10.48 -15.19 19.18
N ALA H 89 -10.91 -14.20 19.95
CA ALA H 89 -10.22 -13.84 21.20
C ALA H 89 -10.14 -15.07 22.12
N ALA H 90 -11.28 -15.74 22.31
CA ALA H 90 -11.34 -16.99 23.07
C ALA H 90 -10.36 -18.04 22.54
N SER H 91 -10.27 -18.13 21.22
CA SER H 91 -9.35 -19.08 20.58
C SER H 91 -7.88 -18.71 20.78
N VAL H 92 -7.50 -17.46 20.53
CA VAL H 92 -6.09 -17.03 20.71
C VAL H 92 -5.61 -17.21 22.15
N ARG H 93 -6.56 -17.23 23.08
CA ARG H 93 -6.23 -17.44 24.49
C ARG H 93 -5.78 -18.88 24.73
N LYS H 94 -6.25 -19.81 23.90
CA LYS H 94 -5.95 -21.23 24.08
C LYS H 94 -4.80 -21.71 23.22
N TRP H 95 -4.28 -20.85 22.35
CA TRP H 95 -3.13 -21.22 21.55
C TRP H 95 -1.85 -20.81 22.28
N PRO H 96 -1.16 -21.81 22.87
CA PRO H 96 0.06 -21.56 23.66
C PRO H 96 1.23 -21.04 22.84
N GLU H 97 1.18 -21.26 21.53
CA GLU H 97 2.19 -20.73 20.63
C GLU H 97 2.11 -19.19 20.48
N VAL H 98 0.95 -18.60 20.77
CA VAL H 98 0.76 -17.14 20.71
C VAL H 98 0.83 -16.49 22.10
N LEU H 99 1.93 -15.80 22.37
CA LEU H 99 2.14 -15.18 23.68
C LEU H 99 1.29 -13.92 23.87
N SER H 100 1.39 -12.96 22.95
CA SER H 100 0.58 -11.73 23.03
C SER H 100 -0.32 -11.49 21.82
N CYS H 101 -1.42 -10.78 22.06
CA CYS H 101 -2.39 -10.42 21.02
C CYS H 101 -3.04 -9.05 21.28
N PHE H 102 -2.90 -8.15 20.33
CA PHE H 102 -3.40 -6.79 20.52
C PHE H 102 -4.33 -6.39 19.39
N ALA H 103 -5.40 -5.70 19.75
CA ALA H 103 -6.19 -4.96 18.78
C ALA H 103 -5.50 -3.61 18.52
N LEU H 104 -4.85 -3.49 17.37
CA LEU H 104 -4.14 -2.24 17.03
C LEU H 104 -5.03 -1.29 16.26
N THR H 105 -4.53 -0.07 16.10
CA THR H 105 -5.15 0.89 15.21
C THR H 105 -4.50 0.62 13.87
N GLY H 106 -4.92 1.34 12.84
CA GLY H 106 -4.28 1.26 11.52
C GLY H 106 -4.85 0.20 10.62
N GLU H 107 -4.06 -0.18 9.61
CA GLU H 107 -4.50 -1.14 8.60
C GLU H 107 -4.77 -2.52 9.23
N THR H 108 -4.02 -2.84 10.28
CA THR H 108 -4.15 -4.11 11.00
C THR H 108 -5.26 -4.06 12.04
N ASP H 109 -6.09 -5.10 12.09
CA ASP H 109 -7.15 -5.18 13.08
C ASP H 109 -6.63 -5.77 14.38
N TYR H 110 -5.86 -6.85 14.25
CA TYR H 110 -5.22 -7.49 15.39
C TYR H 110 -3.76 -7.76 15.07
N LEU H 111 -2.93 -7.80 16.11
CA LEU H 111 -1.52 -8.14 15.95
C LEU H 111 -1.20 -9.27 16.93
N LEU H 112 -0.54 -10.29 16.43
CA LEU H 112 -0.14 -11.45 17.22
C LEU H 112 1.39 -11.60 17.21
N GLN H 113 1.96 -11.81 18.40
CA GLN H 113 3.35 -12.20 18.54
C GLN H 113 3.37 -13.63 19.08
N ALA H 114 4.03 -14.54 18.35
CA ALA H 114 4.02 -15.98 18.67
C ALA H 114 5.32 -16.68 18.27
N PHE H 115 5.56 -17.85 18.86
CA PHE H 115 6.83 -18.59 18.72
C PHE H 115 6.68 -19.98 18.12
N PHE H 116 7.67 -20.37 17.31
CA PHE H 116 7.64 -21.66 16.63
C PHE H 116 9.02 -22.28 16.53
N THR H 117 9.03 -23.58 16.27
CA THR H 117 10.25 -24.35 16.07
C THR H 117 10.91 -23.92 14.77
N ASP H 118 10.14 -24.02 13.69
CA ASP H 118 10.63 -23.76 12.34
C ASP H 118 9.48 -23.35 11.42
N ASN H 120 8.14 -24.82 9.14
CA ASN H 120 7.20 -25.92 9.03
C ASN H 120 6.14 -25.83 10.12
N ALA H 121 6.60 -25.77 11.37
CA ALA H 121 5.72 -25.61 12.52
C ALA H 121 4.80 -24.41 12.31
N PHE H 122 5.36 -23.35 11.74
CA PHE H 122 4.53 -22.19 11.45
C PHE H 122 3.46 -22.59 10.46
N SER H 123 3.91 -23.05 9.30
CA SER H 123 3.02 -23.35 8.17
C SER H 123 1.80 -24.10 8.66
N HIS H 124 2.02 -25.07 9.53
CA HIS H 124 0.94 -25.91 10.02
C HIS H 124 -0.02 -25.12 10.89
N PHE H 125 0.53 -24.19 11.67
CA PHE H 125 -0.28 -23.39 12.57
C PHE H 125 -1.15 -22.40 11.82
N VAL H 126 -0.53 -21.69 10.88
CA VAL H 126 -1.23 -20.67 10.10
C VAL H 126 -2.30 -21.32 9.23
N LEU H 127 -1.94 -22.40 8.54
CA LEU H 127 -2.86 -23.06 7.60
C LEU H 127 -3.96 -23.90 8.28
N ASP H 128 -3.64 -24.60 9.36
CA ASP H 128 -4.60 -25.54 9.96
C ASP H 128 -5.37 -25.01 11.17
N THR H 129 -4.89 -23.93 11.78
CA THR H 129 -5.50 -23.40 12.99
C THR H 129 -5.90 -21.94 12.87
N LEU H 130 -4.95 -21.08 12.47
CA LEU H 130 -5.22 -19.63 12.34
C LEU H 130 -6.34 -19.36 11.33
N LEU H 131 -6.11 -19.76 10.09
CA LEU H 131 -7.03 -19.46 9.00
C LEU H 131 -8.28 -20.36 9.03
N SER H 132 -8.13 -21.56 9.59
CA SER H 132 -9.25 -22.50 9.72
C SER H 132 -10.37 -21.97 10.64
N HIS H 133 -9.97 -21.11 11.58
CA HIS H 133 -10.92 -20.45 12.49
C HIS H 133 -11.88 -19.59 11.67
N HIS H 134 -13.18 -19.74 11.94
CA HIS H 134 -14.22 -19.12 11.12
C HIS H 134 -14.12 -17.60 11.05
N GLY H 135 -13.82 -16.97 12.18
CA GLY H 135 -13.69 -15.51 12.26
C GLY H 135 -12.53 -14.91 11.47
N VAL H 136 -11.44 -15.67 11.33
CA VAL H 136 -10.24 -15.16 10.68
C VAL H 136 -10.47 -14.98 9.17
N GLN H 137 -10.46 -13.73 8.74
CA GLN H 137 -10.74 -13.38 7.37
C GLN H 137 -9.48 -13.44 6.51
N ASP H 138 -8.39 -12.86 7.02
CA ASP H 138 -7.10 -12.91 6.32
C ASP H 138 -6.01 -12.63 7.34
N ALA H 139 -4.80 -13.12 7.06
CA ALA H 139 -3.65 -12.88 7.93
C ALA H 139 -2.38 -12.72 7.10
N GLN H 140 -1.45 -11.89 7.57
CA GLN H 140 -0.17 -11.69 6.87
C GLN H 140 0.95 -11.41 7.87
N SER H 141 1.92 -12.32 7.92
CA SER H 141 2.88 -12.35 9.00
C SER H 141 4.32 -12.08 8.57
N SER H 142 5.09 -11.53 9.50
CA SER H 142 6.48 -11.19 9.28
C SER H 142 7.28 -11.79 10.41
N PHE H 143 8.54 -12.10 10.14
CA PHE H 143 9.38 -12.82 11.10
C PHE H 143 10.60 -12.00 11.60
N VAL H 144 11.12 -12.40 12.77
CA VAL H 144 12.20 -11.68 13.46
C VAL H 144 13.60 -12.11 12.99
N LEU H 145 14.21 -11.29 12.15
CA LEU H 145 15.59 -11.52 11.71
C LEU H 145 16.57 -11.32 12.86
N LYS H 146 16.38 -10.26 13.64
CA LYS H 146 17.32 -9.93 14.73
C LYS H 146 16.62 -9.16 15.84
N GLU H 147 16.97 -9.50 17.07
CA GLU H 147 16.38 -8.86 18.25
C GLU H 147 17.35 -7.80 18.77
N ILE H 148 17.08 -6.54 18.43
CA ILE H 148 17.96 -5.43 18.81
C ILE H 148 17.81 -5.08 20.29
N LYS H 149 16.63 -5.36 20.87
CA LYS H 149 16.33 -5.08 22.28
C LYS H 149 15.01 -5.74 22.67
N HIS H 150 14.94 -6.23 23.91
CA HIS H 150 13.71 -6.83 24.41
C HIS H 150 13.74 -6.95 25.92
N THR H 151 12.95 -6.10 26.60
CA THR H 151 12.87 -6.11 28.06
C THR H 151 11.41 -5.97 28.51
N THR H 152 11.07 -6.61 29.62
CA THR H 152 9.70 -6.54 30.16
C THR H 152 9.51 -5.38 31.11
N SER H 153 10.62 -4.71 31.44
CA SER H 153 10.60 -3.62 32.41
C SER H 153 10.07 -2.34 31.77
N LEU H 154 9.08 -1.74 32.42
CA LEU H 154 8.47 -0.49 31.96
C LEU H 154 9.31 0.69 32.46
N PRO H 155 9.17 1.87 31.81
CA PRO H 155 9.86 3.06 32.28
C PRO H 155 9.09 3.67 33.43
N LEU H 156 9.79 4.24 34.41
CA LEU H 156 9.11 4.79 35.59
C LEU H 156 9.50 6.21 35.96
N ASN H 157 10.44 6.80 35.22
CA ASN H 157 10.95 8.15 35.50
C ASN H 157 9.86 9.23 35.42
N HIS H 158 8.75 8.92 34.74
CA HIS H 158 7.64 9.84 34.64
C HIS H 158 6.86 9.98 35.96
N LEU H 159 7.15 9.11 36.93
CA LEU H 159 6.48 9.13 38.22
C LEU H 159 7.17 9.99 39.27
N LEU H 160 8.37 10.47 38.97
CA LEU H 160 9.10 11.33 39.90
C LEU H 160 9.01 12.79 39.44
#